data_6OI5
#
_entry.id   6OI5
#
_cell.length_a   76.729
_cell.length_b   110.424
_cell.length_c   132.124
_cell.angle_alpha   90.00
_cell.angle_beta   90.00
_cell.angle_gamma   90.00
#
_symmetry.space_group_name_H-M   'P 21 21 21'
#
loop_
_entity.id
_entity.type
_entity.pdbx_description
1 polymer 'Sulfide:quinone oxidoreductase, mitochondrial'
2 non-polymer 'FLAVIN-ADENINE DINUCLEOTIDE'
3 water water
#
_entity_poly.entity_id   1
_entity_poly.type   'polypeptide(L)'
_entity_poly.pdbx_seq_one_letter_code
;MNHYEVLVLGGGSGGITMAARMKRKVGAENVAIVEPSERHFYQPIWTLVGAGAKQLSSSGRPTASVIPSGVEWIKARVTE
LNPDKNCIHTDDDEKISYRYLIIALGIQLDYEKIKGLPEGFAHPKIGSNYSVKTVEKTWKALQDFKEGNAIFTFPNTPVK
(CSS)AGAPQKIMYLSEAYFRKTGKRSKANIIFNTSLGAIFGVKKYADALQEIIQERNLTVNYKKNLIEVRADKQEAVFE
NLDKPGETQVISYEMLHVTPPMSPPDVLKTSPVADAAGWVDVDKETLQHRRYPNVFGIGDCTNLPTSKTAAAVAAQSGIL
DRTISVIMKNQTPTKKYDGYTSCPLVTGYNRVILAEFDYKAEPLETFPFDQSKERLSMYLMKADLMPFLYWNMMLRGYWG
GPAFLRKLFHLGMSLEHHHHHH
;
_entity_poly.pdbx_strand_id   A,B
#
loop_
_chem_comp.id
_chem_comp.type
_chem_comp.name
_chem_comp.formula
FAD non-polymer 'FLAVIN-ADENINE DINUCLEOTIDE' 'C27 H33 N9 O15 P2'
#
# COMPACT_ATOMS: atom_id res chain seq x y z
N MET A 1 -9.52 33.40 -8.11
CA MET A 1 -8.55 32.40 -8.57
C MET A 1 -8.54 32.33 -10.09
N ASN A 2 -7.48 31.71 -10.62
CA ASN A 2 -7.49 31.29 -12.02
C ASN A 2 -8.38 30.06 -12.14
N HIS A 3 -9.13 29.98 -13.24
CA HIS A 3 -10.21 29.01 -13.34
C HIS A 3 -10.31 28.48 -14.77
N TYR A 4 -10.57 27.19 -14.87
CA TYR A 4 -10.72 26.53 -16.14
C TYR A 4 -11.88 25.58 -16.03
N GLU A 5 -12.58 25.40 -17.14
CA GLU A 5 -13.71 24.47 -17.16
C GLU A 5 -13.24 23.05 -16.94
N VAL A 6 -12.18 22.64 -17.65
CA VAL A 6 -11.60 21.31 -17.51
C VAL A 6 -10.14 21.50 -17.12
N LEU A 7 -9.75 20.95 -15.98
CA LEU A 7 -8.39 21.06 -15.48
C LEU A 7 -7.76 19.68 -15.47
N VAL A 8 -6.63 19.53 -16.15
CA VAL A 8 -5.95 18.26 -16.26
C VAL A 8 -4.65 18.32 -15.48
N LEU A 9 -4.52 17.47 -14.47
CA LEU A 9 -3.32 17.36 -13.67
C LEU A 9 -2.39 16.32 -14.29
N GLY A 10 -1.24 16.79 -14.82
CA GLY A 10 -0.29 15.92 -15.48
C GLY A 10 -0.29 16.06 -17.00
N GLY A 11 0.90 16.15 -17.58
CA GLY A 11 1.07 16.27 -19.01
C GLY A 11 1.82 15.08 -19.60
N GLY A 12 1.66 13.93 -18.94
CA GLY A 12 2.11 12.65 -19.49
C GLY A 12 1.08 12.07 -20.44
N SER A 13 1.10 10.73 -20.54
CA SER A 13 0.31 10.04 -21.56
C SER A 13 -1.18 10.30 -21.38
N GLY A 14 -1.72 10.01 -20.20
CA GLY A 14 -3.13 10.20 -19.99
C GLY A 14 -3.53 11.67 -19.99
N GLY A 15 -2.70 12.53 -19.41
CA GLY A 15 -2.94 13.96 -19.43
C GLY A 15 -3.10 14.55 -20.82
N ILE A 16 -2.05 14.41 -21.65
CA ILE A 16 -2.11 14.90 -23.01
C ILE A 16 -3.33 14.32 -23.75
N THR A 17 -3.58 13.02 -23.54
CA THR A 17 -4.68 12.38 -24.26
C THR A 17 -6.03 12.94 -23.83
N MET A 18 -6.26 13.07 -22.54
CA MET A 18 -7.58 13.52 -22.10
C MET A 18 -7.78 14.98 -22.48
N ALA A 19 -6.72 15.78 -22.35
CA ALA A 19 -6.77 17.17 -22.78
C ALA A 19 -7.07 17.28 -24.26
N ALA A 20 -6.40 16.46 -25.08
CA ALA A 20 -6.71 16.46 -26.51
C ALA A 20 -8.18 16.16 -26.74
N ARG A 21 -8.71 15.20 -26.01
CA ARG A 21 -10.09 14.78 -26.22
C ARG A 21 -11.06 15.82 -25.71
N MET A 22 -10.68 16.48 -24.61
CA MET A 22 -11.57 17.46 -23.99
C MET A 22 -11.56 18.78 -24.77
N LYS A 23 -10.46 19.09 -25.44
CA LYS A 23 -10.42 20.25 -26.32
C LYS A 23 -11.59 20.25 -27.30
N ARG A 24 -11.87 19.08 -27.89
CA ARG A 24 -12.94 18.99 -28.85
C ARG A 24 -14.32 18.91 -28.22
N LYS A 25 -14.40 18.76 -26.89
CA LYS A 25 -15.70 18.80 -26.22
C LYS A 25 -16.05 20.20 -25.72
N VAL A 26 -15.08 20.99 -25.27
CA VAL A 26 -15.39 22.24 -24.58
C VAL A 26 -14.70 23.46 -25.18
N GLY A 27 -13.89 23.32 -26.23
CA GLY A 27 -13.05 24.42 -26.65
C GLY A 27 -11.67 24.29 -26.02
N ALA A 28 -10.61 24.58 -26.78
CA ALA A 28 -9.27 24.41 -26.26
C ALA A 28 -9.01 25.41 -25.13
N GLU A 29 -9.54 26.63 -25.27
CA GLU A 29 -9.25 27.69 -24.31
C GLU A 29 -9.79 27.39 -22.91
N ASN A 30 -10.73 26.46 -22.79
CA ASN A 30 -11.30 26.07 -21.51
C ASN A 30 -10.70 24.79 -20.95
N VAL A 31 -9.58 24.35 -21.50
CA VAL A 31 -8.81 23.25 -20.94
C VAL A 31 -7.45 23.79 -20.56
N ALA A 32 -6.93 23.29 -19.43
CA ALA A 32 -5.58 23.60 -18.98
C ALA A 32 -4.90 22.33 -18.51
N ILE A 33 -3.58 22.29 -18.68
CA ILE A 33 -2.76 21.20 -18.18
C ILE A 33 -1.78 21.77 -17.17
N VAL A 34 -1.66 21.11 -16.04
CA VAL A 34 -0.64 21.42 -15.05
C VAL A 34 0.47 20.37 -15.18
N GLU A 35 1.66 20.77 -15.61
CA GLU A 35 2.79 19.82 -15.72
C GLU A 35 4.17 20.46 -15.57
N PRO A 36 5.03 19.95 -14.65
CA PRO A 36 6.33 20.58 -14.44
C PRO A 36 7.35 20.26 -15.53
N SER A 37 7.29 19.07 -16.09
CA SER A 37 8.36 18.60 -16.96
C SER A 37 8.30 19.26 -18.33
N GLU A 38 9.47 19.63 -18.85
CA GLU A 38 9.55 20.16 -20.21
C GLU A 38 9.57 19.08 -21.28
N ARG A 39 9.80 17.82 -20.89
CA ARG A 39 9.90 16.72 -21.85
C ARG A 39 8.79 15.73 -21.59
N HIS A 40 8.19 15.24 -22.67
CA HIS A 40 7.17 14.20 -22.66
C HIS A 40 7.75 12.97 -23.30
N PHE A 41 7.64 11.83 -22.61
CA PHE A 41 8.31 10.62 -23.07
C PHE A 41 7.32 9.52 -23.39
N TYR A 42 7.61 8.77 -24.45
CA TYR A 42 6.95 7.51 -24.69
C TYR A 42 7.82 6.45 -24.00
N GLN A 43 7.58 6.31 -22.70
CA GLN A 43 8.42 5.46 -21.86
C GLN A 43 8.47 4.00 -22.28
N PRO A 44 7.42 3.37 -22.92
CA PRO A 44 7.59 1.98 -23.35
C PRO A 44 8.91 1.72 -24.06
N ILE A 45 9.35 2.65 -24.91
CA ILE A 45 10.48 2.39 -25.78
C ILE A 45 11.78 2.32 -25.00
N TRP A 46 11.78 2.83 -23.76
CA TRP A 46 12.97 2.77 -22.91
C TRP A 46 13.48 1.33 -22.73
N THR A 47 12.58 0.33 -22.77
CA THR A 47 13.02 -1.06 -22.78
C THR A 47 14.05 -1.32 -23.88
N LEU A 48 13.73 -0.92 -25.12
CA LEU A 48 14.70 -1.11 -26.19
C LEU A 48 15.85 -0.10 -26.12
N VAL A 49 15.67 1.02 -25.41
CA VAL A 49 16.80 1.94 -25.23
C VAL A 49 17.82 1.31 -24.29
N GLY A 50 17.34 0.68 -23.21
CA GLY A 50 18.22 -0.01 -22.30
C GLY A 50 18.95 -1.19 -22.93
N ALA A 51 18.41 -1.76 -24.00
CA ALA A 51 19.05 -2.87 -24.67
C ALA A 51 19.88 -2.42 -25.88
N GLY A 52 20.03 -1.12 -26.10
CA GLY A 52 20.81 -0.62 -27.22
C GLY A 52 20.15 -0.73 -28.57
N ALA A 53 18.88 -1.12 -28.63
CA ALA A 53 18.16 -1.25 -29.89
C ALA A 53 17.49 0.04 -30.35
N LYS A 54 17.23 0.99 -29.45
CA LYS A 54 16.64 2.26 -29.84
C LYS A 54 17.28 3.38 -29.04
N GLN A 55 17.15 4.60 -29.57
CA GLN A 55 17.87 5.76 -29.08
C GLN A 55 17.01 6.57 -28.12
N LEU A 56 17.65 7.06 -27.05
CA LEU A 56 16.92 7.83 -26.03
C LEU A 56 16.24 9.04 -26.65
N SER A 57 16.96 9.79 -27.48
CA SER A 57 16.45 11.06 -28.00
C SER A 57 15.08 10.89 -28.67
N SER A 58 14.93 9.86 -29.50
CA SER A 58 13.65 9.59 -30.13
C SER A 58 12.52 9.37 -29.12
N SER A 59 12.83 9.01 -27.87
CA SER A 59 11.73 8.72 -26.96
C SER A 59 11.02 9.98 -26.49
N GLY A 60 11.56 11.16 -26.73
CA GLY A 60 10.93 12.33 -26.19
C GLY A 60 10.56 13.40 -27.20
N ARG A 61 9.67 14.28 -26.78
CA ARG A 61 9.39 15.53 -27.46
C ARG A 61 9.21 16.58 -26.38
N PRO A 62 9.34 17.85 -26.72
CA PRO A 62 9.04 18.90 -25.73
C PRO A 62 7.56 18.90 -25.40
N THR A 63 7.25 19.07 -24.11
CA THR A 63 5.85 19.14 -23.68
C THR A 63 5.04 20.11 -24.55
N ALA A 64 5.63 21.25 -24.92
CA ALA A 64 4.94 22.21 -25.75
C ALA A 64 4.53 21.59 -27.08
N SER A 65 5.40 20.76 -27.66
CA SER A 65 5.11 20.11 -28.93
C SER A 65 3.81 19.31 -28.89
N VAL A 66 3.51 18.64 -27.76
CA VAL A 66 2.38 17.73 -27.72
C VAL A 66 1.18 18.31 -27.00
N ILE A 67 1.32 19.48 -26.38
CA ILE A 67 0.14 20.17 -25.85
C ILE A 67 -0.79 20.47 -27.01
N PRO A 68 -2.08 20.12 -26.92
CA PRO A 68 -2.98 20.39 -28.03
C PRO A 68 -3.13 21.88 -28.22
N SER A 69 -3.24 22.30 -29.47
CA SER A 69 -3.07 23.70 -29.81
C SER A 69 -4.15 24.55 -29.15
N GLY A 70 -3.72 25.64 -28.50
CA GLY A 70 -4.64 26.50 -27.80
C GLY A 70 -4.97 26.09 -26.39
N VAL A 71 -4.44 24.98 -25.91
CA VAL A 71 -4.64 24.55 -24.53
C VAL A 71 -3.55 25.20 -23.68
N GLU A 72 -3.90 25.53 -22.43
CA GLU A 72 -2.98 26.25 -21.57
C GLU A 72 -2.10 25.27 -20.83
N TRP A 73 -0.80 25.48 -20.93
CA TRP A 73 0.18 24.71 -20.17
C TRP A 73 0.59 25.53 -18.95
N ILE A 74 0.16 25.09 -17.76
CA ILE A 74 0.64 25.65 -16.51
C ILE A 74 1.91 24.86 -16.14
N LYS A 75 3.08 25.43 -16.42
CA LYS A 75 4.32 24.73 -16.09
C LYS A 75 4.56 24.86 -14.59
N ALA A 76 4.04 23.90 -13.84
CA ALA A 76 4.16 23.93 -12.38
C ALA A 76 3.88 22.54 -11.85
N ARG A 77 3.87 22.42 -10.53
CA ARG A 77 3.62 21.16 -9.86
C ARG A 77 2.41 21.33 -8.96
N VAL A 78 1.59 20.30 -8.84
CA VAL A 78 0.44 20.35 -7.93
C VAL A 78 0.91 20.01 -6.52
N THR A 79 0.51 20.82 -5.55
CA THR A 79 0.99 20.68 -4.18
C THR A 79 -0.10 20.42 -3.18
N GLU A 80 -1.35 20.68 -3.56
CA GLU A 80 -2.53 20.37 -2.77
C GLU A 80 -3.74 20.29 -3.70
N LEU A 81 -4.72 19.49 -3.29
CA LEU A 81 -5.99 19.39 -3.99
C LEU A 81 -7.11 19.50 -2.98
N ASN A 82 -7.90 20.56 -3.08
CA ASN A 82 -9.08 20.71 -2.25
C ASN A 82 -10.34 20.43 -3.05
N PRO A 83 -10.75 19.18 -3.21
CA PRO A 83 -11.92 18.91 -4.05
C PRO A 83 -13.19 19.54 -3.53
N ASP A 84 -13.31 19.70 -2.21
CA ASP A 84 -14.53 20.27 -1.65
C ASP A 84 -14.68 21.74 -2.01
N LYS A 85 -13.58 22.45 -2.29
CA LYS A 85 -13.60 23.82 -2.77
C LYS A 85 -13.34 23.92 -4.27
N ASN A 86 -13.25 22.78 -4.97
CA ASN A 86 -13.07 22.71 -6.43
C ASN A 86 -11.82 23.44 -6.89
N CYS A 87 -10.75 23.33 -6.12
CA CYS A 87 -9.52 24.03 -6.43
C CYS A 87 -8.33 23.13 -6.12
N ILE A 88 -7.15 23.58 -6.56
CA ILE A 88 -5.88 22.93 -6.30
C ILE A 88 -4.85 24.02 -6.04
N HIS A 89 -3.73 23.61 -5.47
CA HIS A 89 -2.60 24.51 -5.28
C HIS A 89 -1.42 24.03 -6.11
N THR A 90 -0.64 24.97 -6.62
CA THR A 90 0.60 24.69 -7.34
C THR A 90 1.79 25.20 -6.56
N ASP A 91 2.97 24.76 -6.98
CA ASP A 91 4.19 25.23 -6.35
C ASP A 91 4.48 26.68 -6.71
N ASP A 92 3.82 27.23 -7.72
CA ASP A 92 3.91 28.66 -8.00
C ASP A 92 3.12 29.49 -7.03
N ASP A 93 2.60 28.85 -6.00
CA ASP A 93 1.72 29.49 -5.03
C ASP A 93 0.46 30.05 -5.69
N GLU A 94 -0.02 29.39 -6.73
CA GLU A 94 -1.29 29.73 -7.32
C GLU A 94 -2.39 28.86 -6.75
N LYS A 95 -3.63 29.31 -6.87
CA LYS A 95 -4.80 28.44 -6.68
C LYS A 95 -5.57 28.45 -7.98
N ILE A 96 -5.90 27.26 -8.49
CA ILE A 96 -6.65 27.08 -9.74
C ILE A 96 -7.90 26.29 -9.42
N SER A 97 -9.05 26.87 -9.76
CA SER A 97 -10.36 26.23 -9.70
C SER A 97 -10.76 25.62 -11.05
N TYR A 98 -11.57 24.58 -10.97
CA TYR A 98 -12.03 23.84 -12.12
C TYR A 98 -13.54 23.65 -12.01
N ARG A 99 -14.16 23.35 -13.15
CA ARG A 99 -15.50 22.78 -13.12
C ARG A 99 -15.45 21.26 -13.16
N TYR A 100 -14.61 20.71 -14.01
CA TYR A 100 -14.29 19.30 -13.97
C TYR A 100 -12.78 19.13 -13.83
N LEU A 101 -12.39 18.08 -13.13
CA LEU A 101 -10.98 17.79 -12.88
C LEU A 101 -10.64 16.41 -13.41
N ILE A 102 -9.54 16.30 -14.14
CA ILE A 102 -9.01 15.02 -14.60
C ILE A 102 -7.62 14.85 -14.00
N ILE A 103 -7.47 13.86 -13.15
CA ILE A 103 -6.21 13.58 -12.46
C ILE A 103 -5.46 12.51 -13.25
N ALA A 104 -4.32 12.89 -13.79
CA ALA A 104 -3.52 12.01 -14.63
C ALA A 104 -2.03 12.18 -14.30
N LEU A 105 -1.72 12.10 -13.00
CA LEU A 105 -0.40 12.37 -12.47
C LEU A 105 0.52 11.16 -12.39
N GLY A 106 0.18 10.04 -13.05
CA GLY A 106 1.06 8.89 -13.17
C GLY A 106 1.45 8.27 -11.82
N ILE A 107 2.58 7.55 -11.85
CA ILE A 107 3.14 6.83 -10.69
C ILE A 107 4.54 7.38 -10.37
N GLN A 108 4.96 7.22 -9.12
CA GLN A 108 6.18 7.82 -8.62
C GLN A 108 7.30 6.79 -8.46
N LEU A 109 8.51 7.11 -8.92
CA LEU A 109 9.66 6.26 -8.70
C LEU A 109 10.30 6.58 -7.36
N ASP A 110 10.71 5.54 -6.63
CA ASP A 110 11.24 5.74 -5.28
C ASP A 110 12.58 5.03 -5.10
N TYR A 111 13.55 5.38 -5.96
CA TYR A 111 14.86 4.77 -5.87
C TYR A 111 15.45 4.91 -4.46
N GLU A 112 15.23 6.07 -3.83
CA GLU A 112 15.84 6.36 -2.53
C GLU A 112 15.42 5.35 -1.47
N LYS A 113 14.36 4.60 -1.68
CA LYS A 113 14.01 3.60 -0.68
C LYS A 113 14.99 2.43 -0.69
N ILE A 114 15.77 2.29 -1.75
CA ILE A 114 16.86 1.32 -1.74
C ILE A 114 18.06 2.00 -1.13
N LYS A 115 18.68 1.34 -0.16
CA LYS A 115 19.81 1.96 0.50
C LYS A 115 20.98 2.03 -0.48
N GLY A 116 21.60 3.20 -0.55
CA GLY A 116 22.63 3.41 -1.56
C GLY A 116 22.15 3.82 -2.92
N LEU A 117 20.89 4.02 -3.12
CA LEU A 117 20.35 4.60 -4.31
C LEU A 117 19.69 5.94 -3.99
N PRO A 118 19.67 6.89 -4.94
CA PRO A 118 20.10 6.93 -6.34
C PRO A 118 21.60 7.16 -6.54
N GLU A 119 22.31 7.37 -5.43
CA GLU A 119 23.76 7.65 -5.47
C GLU A 119 24.55 6.57 -6.24
N GLY A 120 24.23 5.30 -6.02
CA GLY A 120 25.05 4.26 -6.62
C GLY A 120 25.12 4.29 -8.13
N PHE A 121 24.22 5.02 -8.78
CA PHE A 121 24.21 5.09 -10.24
C PHE A 121 25.38 5.90 -10.81
N ALA A 122 26.09 6.66 -10.00
CA ALA A 122 27.34 7.24 -10.48
C ALA A 122 28.43 6.20 -10.75
N HIS A 123 28.29 5.00 -10.19
CA HIS A 123 29.22 3.92 -10.46
C HIS A 123 28.80 3.13 -11.69
N PRO A 124 29.73 2.41 -12.30
CA PRO A 124 29.37 1.56 -13.44
C PRO A 124 28.65 0.27 -13.05
N LYS A 125 28.25 -0.46 -14.07
CA LYS A 125 27.69 -1.80 -13.96
C LYS A 125 26.27 -1.83 -13.41
N ILE A 126 25.58 -0.70 -13.36
CA ILE A 126 24.27 -0.65 -12.75
C ILE A 126 23.40 0.32 -13.57
N GLY A 127 22.19 -0.12 -13.90
CA GLY A 127 21.26 0.62 -14.73
C GLY A 127 19.84 0.37 -14.29
N SER A 128 18.93 1.15 -14.85
CA SER A 128 17.50 0.99 -14.59
C SER A 128 16.76 1.63 -15.75
N ASN A 129 15.92 0.87 -16.43
CA ASN A 129 15.23 1.44 -17.58
C ASN A 129 14.11 2.40 -17.20
N TYR A 130 13.85 2.60 -15.92
CA TYR A 130 12.63 3.29 -15.52
C TYR A 130 12.79 4.79 -15.45
N SER A 131 13.98 5.30 -15.70
CA SER A 131 14.24 6.72 -15.53
C SER A 131 15.16 7.20 -16.66
N VAL A 132 14.84 8.39 -17.20
CA VAL A 132 15.67 8.99 -18.25
C VAL A 132 17.12 9.10 -17.83
N LYS A 133 17.40 9.12 -16.53
CA LYS A 133 18.77 9.32 -16.08
C LYS A 133 19.55 8.02 -15.98
N THR A 134 18.87 6.87 -15.97
CA THR A 134 19.54 5.60 -15.73
C THR A 134 19.36 4.58 -16.85
N VAL A 135 18.56 4.88 -17.88
CA VAL A 135 18.28 3.84 -18.87
C VAL A 135 19.50 3.57 -19.75
N GLU A 136 20.14 4.61 -20.28
CA GLU A 136 21.37 4.38 -21.04
C GLU A 136 22.42 3.72 -20.15
N LYS A 137 22.32 3.89 -18.82
CA LYS A 137 23.25 3.22 -17.92
C LYS A 137 23.05 1.70 -17.93
N THR A 138 21.81 1.24 -18.06
CA THR A 138 21.54 -0.17 -18.36
C THR A 138 22.34 -0.62 -19.56
N TRP A 139 22.14 0.07 -20.69
CA TRP A 139 22.77 -0.34 -21.95
C TRP A 139 24.30 -0.40 -21.81
N LYS A 140 24.90 0.63 -21.23
CA LYS A 140 26.36 0.66 -21.06
C LYS A 140 26.83 -0.48 -20.18
N ALA A 141 26.08 -0.78 -19.10
CA ALA A 141 26.43 -1.93 -18.27
C ALA A 141 26.37 -3.22 -19.08
N LEU A 142 25.37 -3.33 -19.95
CA LEU A 142 25.25 -4.51 -20.80
C LEU A 142 26.42 -4.63 -21.77
N GLN A 143 26.91 -3.51 -22.30
CA GLN A 143 28.07 -3.54 -23.19
C GLN A 143 29.34 -3.93 -22.44
N ASP A 144 29.60 -3.25 -21.32
CA ASP A 144 30.79 -3.49 -20.53
C ASP A 144 30.75 -4.81 -19.79
N PHE A 145 29.58 -5.44 -19.65
CA PHE A 145 29.52 -6.72 -18.98
C PHE A 145 30.55 -7.65 -19.57
N LYS A 146 31.45 -8.14 -18.74
CA LYS A 146 32.44 -9.11 -19.18
C LYS A 146 32.17 -10.49 -18.58
N GLU A 147 32.02 -10.60 -17.26
CA GLU A 147 31.90 -11.90 -16.64
C GLU A 147 31.25 -11.78 -15.24
N GLY A 148 30.39 -12.75 -14.89
CA GLY A 148 29.78 -12.78 -13.56
C GLY A 148 28.28 -12.98 -13.52
N ASN A 149 27.62 -12.32 -12.57
CA ASN A 149 26.17 -12.38 -12.39
C ASN A 149 25.51 -11.14 -12.98
N ALA A 150 24.42 -11.37 -13.71
CA ALA A 150 23.55 -10.32 -14.25
C ALA A 150 22.19 -10.46 -13.59
N ILE A 151 21.86 -9.50 -12.72
CA ILE A 151 20.72 -9.61 -11.81
C ILE A 151 19.64 -8.60 -12.21
N PHE A 152 18.40 -9.06 -12.19
CA PHE A 152 17.25 -8.23 -12.52
C PHE A 152 16.25 -8.30 -11.38
N THR A 153 15.79 -7.14 -10.90
CA THR A 153 14.97 -7.07 -9.70
C THR A 153 13.54 -6.62 -9.99
N PHE A 154 12.63 -7.00 -9.11
CA PHE A 154 11.24 -6.61 -9.16
C PHE A 154 10.78 -6.27 -7.74
N PRO A 155 10.27 -5.07 -7.48
CA PRO A 155 10.07 -4.66 -6.07
C PRO A 155 8.81 -5.20 -5.40
N ASN A 156 8.61 -4.80 -4.14
CA ASN A 156 7.45 -5.18 -3.34
C ASN A 156 6.38 -4.09 -3.35
N THR A 157 6.21 -3.41 -4.47
CA THR A 157 5.22 -2.34 -4.62
C THR A 157 4.47 -2.55 -5.92
N PRO A 158 3.35 -1.84 -6.10
CA PRO A 158 2.80 -1.68 -7.46
C PRO A 158 3.87 -1.11 -8.38
N VAL A 159 3.84 -1.50 -9.65
CA VAL A 159 4.76 -0.99 -10.68
C VAL A 159 3.96 -0.65 -11.93
N LYS A 160 4.61 0.09 -12.84
CA LYS A 160 4.06 0.24 -14.19
C LYS A 160 4.82 -0.66 -15.17
N CSS A 161 4.10 -1.18 -16.14
CA CSS A 161 4.60 -2.20 -17.04
CB CSS A 161 5.55 -1.72 -18.13
SG CSS A 161 5.43 -2.75 -19.57
SD CSS A 161 3.51 -3.60 -19.85
C CSS A 161 5.34 -3.32 -16.29
O CSS A 161 6.56 -3.42 -16.31
N ALA A 162 4.57 -4.19 -15.66
CA ALA A 162 5.15 -5.22 -14.82
C ALA A 162 6.01 -6.21 -15.64
N GLY A 163 5.82 -6.23 -16.96
CA GLY A 163 6.62 -7.10 -17.80
C GLY A 163 8.02 -6.57 -18.07
N ALA A 164 8.18 -5.24 -18.06
CA ALA A 164 9.45 -4.64 -18.41
C ALA A 164 10.65 -5.11 -17.57
N PRO A 165 10.52 -5.38 -16.26
CA PRO A 165 11.69 -5.89 -15.51
C PRO A 165 12.24 -7.20 -16.03
N GLN A 166 11.41 -8.08 -16.59
CA GLN A 166 11.95 -9.27 -17.21
C GLN A 166 12.23 -9.06 -18.68
N LYS A 167 11.55 -8.10 -19.30
CA LYS A 167 11.82 -7.83 -20.71
C LYS A 167 13.31 -7.59 -20.90
N ILE A 168 13.87 -6.65 -20.15
CA ILE A 168 15.27 -6.34 -20.30
C ILE A 168 16.14 -7.57 -20.04
N MET A 169 15.71 -8.47 -19.16
CA MET A 169 16.49 -9.68 -18.90
C MET A 169 16.59 -10.57 -20.15
N TYR A 170 15.46 -10.79 -20.83
CA TYR A 170 15.51 -11.57 -22.07
C TYR A 170 16.41 -10.91 -23.10
N LEU A 171 16.38 -9.58 -23.18
CA LEU A 171 17.22 -8.86 -24.12
C LEU A 171 18.69 -8.97 -23.73
N SER A 172 18.98 -8.87 -22.43
CA SER A 172 20.35 -9.07 -21.96
C SER A 172 20.86 -10.47 -22.31
N GLU A 173 20.03 -11.49 -22.13
CA GLU A 173 20.40 -12.86 -22.47
C GLU A 173 20.73 -12.97 -23.96
N ALA A 174 19.89 -12.38 -24.81
CA ALA A 174 20.11 -12.47 -26.25
C ALA A 174 21.29 -11.62 -26.69
N TYR A 175 21.49 -10.47 -26.06
CA TYR A 175 22.74 -9.75 -26.32
C TYR A 175 23.95 -10.63 -25.99
N PHE A 176 23.90 -11.38 -24.88
CA PHE A 176 25.02 -12.24 -24.51
C PHE A 176 25.25 -13.34 -25.54
N ARG A 177 24.18 -13.92 -26.07
CA ARG A 177 24.31 -15.00 -27.06
C ARG A 177 24.80 -14.50 -28.41
N LYS A 178 24.51 -13.26 -28.78
CA LYS A 178 24.93 -12.73 -30.07
C LYS A 178 26.31 -12.06 -30.02
N THR A 179 26.96 -12.08 -28.84
CA THR A 179 28.29 -11.50 -28.67
C THR A 179 29.29 -12.47 -28.05
N GLY A 180 28.97 -13.76 -27.99
CA GLY A 180 29.89 -14.73 -27.44
C GLY A 180 30.12 -14.65 -25.94
N LYS A 181 29.22 -14.02 -25.20
CA LYS A 181 29.34 -13.88 -23.75
C LYS A 181 28.41 -14.79 -22.97
N ARG A 182 27.50 -15.52 -23.65
CA ARG A 182 26.43 -16.20 -22.92
C ARG A 182 27.01 -17.15 -21.88
N SER A 183 28.13 -17.78 -22.23
CA SER A 183 28.73 -18.80 -21.39
C SER A 183 29.23 -18.25 -20.07
N LYS A 184 29.51 -16.96 -19.99
CA LYS A 184 30.11 -16.39 -18.79
C LYS A 184 29.15 -15.51 -18.01
N ALA A 185 27.85 -15.66 -18.24
CA ALA A 185 26.84 -14.90 -17.53
C ALA A 185 25.90 -15.84 -16.79
N ASN A 186 25.72 -15.59 -15.50
CA ASN A 186 24.73 -16.29 -14.69
C ASN A 186 23.60 -15.31 -14.42
N ILE A 187 22.49 -15.46 -15.12
CA ILE A 187 21.45 -14.46 -15.19
C ILE A 187 20.34 -14.81 -14.18
N ILE A 188 20.08 -13.86 -13.27
CA ILE A 188 19.23 -14.04 -12.10
C ILE A 188 18.09 -13.03 -12.17
N PHE A 189 16.89 -13.48 -11.84
CA PHE A 189 15.73 -12.64 -11.64
C PHE A 189 15.31 -12.83 -10.19
N ASN A 190 15.46 -11.80 -9.35
CA ASN A 190 15.00 -11.81 -7.96
C ASN A 190 13.73 -10.95 -7.88
N THR A 191 12.57 -11.60 -7.95
CA THR A 191 11.32 -10.85 -7.94
C THR A 191 10.67 -10.94 -6.57
N SER A 192 9.88 -9.93 -6.26
CA SER A 192 9.08 -9.94 -5.03
C SER A 192 7.78 -10.72 -5.19
N LEU A 193 7.42 -11.08 -6.42
CA LEU A 193 6.22 -11.84 -6.68
C LEU A 193 6.46 -13.33 -6.51
N GLY A 194 5.37 -14.09 -6.41
CA GLY A 194 5.44 -15.54 -6.32
C GLY A 194 5.30 -16.27 -7.63
N ALA A 195 5.11 -15.55 -8.74
CA ALA A 195 4.93 -16.11 -10.07
C ALA A 195 5.60 -15.20 -11.08
N ILE A 196 5.82 -15.72 -12.28
CA ILE A 196 6.53 -14.97 -13.30
C ILE A 196 5.62 -14.04 -14.10
N PHE A 197 4.30 -14.16 -13.94
CA PHE A 197 3.30 -13.34 -14.61
C PHE A 197 1.96 -13.75 -14.06
N GLY A 198 0.97 -12.85 -14.15
CA GLY A 198 -0.35 -13.09 -13.58
C GLY A 198 -1.41 -13.77 -14.45
N VAL A 199 -1.22 -13.75 -15.76
CA VAL A 199 -2.13 -14.37 -16.73
C VAL A 199 -1.47 -15.66 -17.19
N LYS A 200 -2.15 -16.80 -16.96
CA LYS A 200 -1.47 -18.10 -17.03
C LYS A 200 -1.00 -18.41 -18.44
N LYS A 201 -1.77 -18.02 -19.46
CA LYS A 201 -1.34 -18.27 -20.83
C LYS A 201 0.09 -17.78 -21.06
N TYR A 202 0.34 -16.50 -20.79
CA TYR A 202 1.65 -15.93 -21.03
C TYR A 202 2.66 -16.37 -19.98
N ALA A 203 2.20 -16.58 -18.75
CA ALA A 203 3.07 -17.13 -17.71
C ALA A 203 3.72 -18.43 -18.20
N ASP A 204 2.91 -19.35 -18.74
CA ASP A 204 3.42 -20.61 -19.30
C ASP A 204 4.43 -20.38 -20.40
N ALA A 205 4.14 -19.42 -21.29
CA ALA A 205 5.04 -19.13 -22.39
C ALA A 205 6.38 -18.61 -21.87
N LEU A 206 6.32 -17.66 -20.94
CA LEU A 206 7.55 -17.12 -20.37
C LEU A 206 8.31 -18.19 -19.61
N GLN A 207 7.58 -19.07 -18.92
CA GLN A 207 8.23 -20.14 -18.18
C GLN A 207 9.00 -21.05 -19.13
N GLU A 208 8.37 -21.45 -20.24
CA GLU A 208 9.09 -22.24 -21.24
C GLU A 208 10.35 -21.52 -21.71
N ILE A 209 10.31 -20.18 -21.75
CA ILE A 209 11.50 -19.45 -22.14
C ILE A 209 12.56 -19.54 -21.04
N ILE A 210 12.13 -19.44 -19.79
CA ILE A 210 13.04 -19.53 -18.66
C ILE A 210 13.80 -20.86 -18.66
N GLN A 211 13.09 -21.95 -18.87
CA GLN A 211 13.74 -23.25 -18.90
C GLN A 211 14.63 -23.38 -20.14
N GLU A 212 14.11 -23.02 -21.30
CA GLU A 212 14.96 -23.25 -22.47
C GLU A 212 16.09 -22.28 -22.59
N ARG A 213 16.34 -21.36 -21.63
CA ARG A 213 17.46 -20.45 -21.77
C ARG A 213 18.31 -20.32 -20.50
N ASN A 214 18.26 -21.31 -19.60
CA ASN A 214 19.12 -21.37 -18.40
C ASN A 214 19.02 -20.09 -17.58
N LEU A 215 17.80 -19.64 -17.33
CA LEU A 215 17.56 -18.43 -16.56
C LEU A 215 17.13 -18.81 -15.15
N THR A 216 17.72 -18.15 -14.16
CA THR A 216 17.41 -18.44 -12.76
C THR A 216 16.45 -17.38 -12.24
N VAL A 217 15.32 -17.82 -11.70
CA VAL A 217 14.34 -16.94 -11.08
C VAL A 217 14.18 -17.30 -9.60
N ASN A 218 14.56 -16.36 -8.74
CA ASN A 218 14.32 -16.48 -7.29
C ASN A 218 13.09 -15.66 -6.87
N TYR A 219 12.02 -16.35 -6.49
CA TYR A 219 10.80 -15.71 -6.04
C TYR A 219 10.94 -15.18 -4.61
N LYS A 220 10.11 -14.17 -4.30
CA LYS A 220 10.01 -13.54 -2.98
C LYS A 220 11.32 -12.98 -2.47
N LYS A 221 12.29 -12.70 -3.36
CA LYS A 221 13.48 -11.95 -2.98
C LYS A 221 13.22 -10.51 -3.35
N ASN A 222 13.55 -9.59 -2.44
CA ASN A 222 13.36 -8.17 -2.70
C ASN A 222 14.66 -7.43 -2.43
N LEU A 223 15.10 -6.65 -3.41
CA LEU A 223 16.30 -5.84 -3.25
C LEU A 223 16.07 -4.72 -2.26
N ILE A 224 16.95 -4.62 -1.26
CA ILE A 224 16.85 -3.59 -0.25
C ILE A 224 18.08 -2.70 -0.16
N GLU A 225 19.24 -3.13 -0.64
CA GLU A 225 20.43 -2.29 -0.59
C GLU A 225 21.25 -2.49 -1.85
N VAL A 226 21.98 -1.44 -2.25
CA VAL A 226 23.01 -1.55 -3.28
C VAL A 226 24.29 -0.93 -2.77
N ARG A 227 25.39 -1.68 -2.84
CA ARG A 227 26.73 -1.19 -2.55
C ARG A 227 27.50 -1.14 -3.88
N ALA A 228 27.28 -0.05 -4.62
CA ALA A 228 27.76 0.01 -6.00
C ALA A 228 29.28 0.00 -6.07
N ASP A 229 29.94 0.70 -5.14
CA ASP A 229 31.39 0.68 -5.12
C ASP A 229 31.95 -0.74 -5.03
N LYS A 230 31.26 -1.63 -4.33
CA LYS A 230 31.69 -3.00 -4.19
C LYS A 230 31.02 -3.92 -5.19
N GLN A 231 30.13 -3.36 -6.02
CA GLN A 231 29.31 -4.12 -6.97
C GLN A 231 28.62 -5.28 -6.28
N GLU A 232 28.04 -4.99 -5.11
CA GLU A 232 27.27 -5.97 -4.37
C GLU A 232 25.84 -5.49 -4.24
N ALA A 233 24.93 -6.44 -4.00
CA ALA A 233 23.49 -6.21 -3.90
C ALA A 233 22.93 -7.03 -2.75
N VAL A 234 21.92 -6.49 -2.07
CA VAL A 234 21.34 -7.12 -0.88
C VAL A 234 19.85 -7.28 -1.08
N PHE A 235 19.36 -8.52 -0.96
CA PHE A 235 17.97 -8.86 -1.14
C PHE A 235 17.42 -9.46 0.14
N GLU A 236 16.13 -9.21 0.40
CA GLU A 236 15.48 -9.79 1.57
C GLU A 236 14.54 -10.93 1.16
N ASN A 237 14.49 -11.95 2.01
CA ASN A 237 13.58 -13.06 1.79
C ASN A 237 12.22 -12.67 2.36
N LEU A 238 11.27 -12.42 1.48
CA LEU A 238 9.96 -12.00 1.99
C LEU A 238 9.27 -13.14 2.72
N ASP A 239 9.60 -14.39 2.39
CA ASP A 239 8.92 -15.53 3.01
C ASP A 239 9.44 -15.80 4.41
N LYS A 240 10.67 -15.40 4.70
CA LYS A 240 11.28 -15.62 6.01
C LYS A 240 11.90 -14.31 6.48
N PRO A 241 11.13 -13.49 7.21
CA PRO A 241 11.65 -12.20 7.69
C PRO A 241 12.94 -12.34 8.49
N GLY A 242 13.81 -11.34 8.33
CA GLY A 242 15.12 -11.35 8.94
C GLY A 242 16.25 -11.69 7.97
N GLU A 243 15.96 -12.52 6.97
CA GLU A 243 16.99 -13.04 6.07
C GLU A 243 17.33 -12.04 4.98
N THR A 244 18.62 -11.77 4.84
CA THR A 244 19.17 -10.99 3.74
C THR A 244 20.19 -11.84 3.01
N GLN A 245 20.51 -11.41 1.79
CA GLN A 245 21.42 -12.14 0.91
C GLN A 245 22.26 -11.10 0.19
N VAL A 246 23.57 -11.16 0.39
CA VAL A 246 24.54 -10.30 -0.29
C VAL A 246 25.09 -11.06 -1.48
N ILE A 247 24.98 -10.49 -2.68
CA ILE A 247 25.45 -11.19 -3.89
C ILE A 247 26.16 -10.22 -4.82
N SER A 248 27.28 -10.66 -5.40
CA SER A 248 28.04 -9.85 -6.35
C SER A 248 27.39 -9.85 -7.73
N TYR A 249 27.47 -8.72 -8.41
CA TYR A 249 26.88 -8.55 -9.73
C TYR A 249 27.87 -7.90 -10.67
N GLU A 250 27.90 -8.39 -11.92
CA GLU A 250 28.66 -7.79 -13.00
C GLU A 250 27.81 -6.80 -13.78
N MET A 251 26.52 -7.06 -13.83
CA MET A 251 25.51 -6.16 -14.34
C MET A 251 24.32 -6.24 -13.39
N LEU A 252 23.74 -5.07 -13.04
CA LEU A 252 22.56 -4.99 -12.19
C LEU A 252 21.51 -4.10 -12.86
N HIS A 253 20.29 -4.62 -13.02
CA HIS A 253 19.15 -3.81 -13.47
C HIS A 253 18.16 -3.67 -12.32
N VAL A 254 17.90 -2.44 -11.94
CA VAL A 254 17.05 -2.14 -10.81
C VAL A 254 15.69 -1.75 -11.35
N THR A 255 14.65 -2.33 -10.76
CA THR A 255 13.33 -1.75 -10.86
C THR A 255 13.00 -1.13 -9.51
N PRO A 256 12.77 0.17 -9.45
CA PRO A 256 12.65 0.86 -8.17
C PRO A 256 11.30 0.60 -7.54
N PRO A 257 11.21 0.63 -6.22
CA PRO A 257 9.89 0.67 -5.59
C PRO A 257 9.13 1.88 -6.13
N MET A 258 7.80 1.74 -6.23
CA MET A 258 6.94 2.77 -6.79
C MET A 258 5.71 2.98 -5.90
N SER A 259 5.07 4.13 -6.08
CA SER A 259 4.02 4.58 -5.17
C SER A 259 3.21 5.67 -5.86
N PRO A 260 2.04 6.01 -5.32
CA PRO A 260 1.32 7.18 -5.82
C PRO A 260 2.12 8.45 -5.56
N PRO A 261 2.02 9.43 -6.46
CA PRO A 261 2.72 10.70 -6.27
C PRO A 261 2.45 11.29 -4.88
N ASP A 262 3.51 11.76 -4.23
CA ASP A 262 3.40 12.27 -2.88
C ASP A 262 2.21 13.21 -2.68
N VAL A 263 1.78 13.92 -3.73
CA VAL A 263 0.72 14.91 -3.51
C VAL A 263 -0.61 14.21 -3.27
N LEU A 264 -0.79 13.01 -3.84
CA LEU A 264 -2.04 12.26 -3.70
C LEU A 264 -2.07 11.42 -2.43
N LYS A 265 -0.89 11.00 -1.95
CA LYS A 265 -0.83 10.11 -0.81
C LYS A 265 -1.68 10.61 0.35
N THR A 266 -1.78 11.92 0.51
CA THR A 266 -2.56 12.51 1.61
C THR A 266 -3.78 13.27 1.11
N SER A 267 -4.08 13.17 -0.16
CA SER A 267 -5.17 13.96 -0.70
C SER A 267 -6.52 13.31 -0.39
N PRO A 268 -7.55 14.14 -0.18
CA PRO A 268 -8.89 13.56 0.03
C PRO A 268 -9.39 12.76 -1.15
N VAL A 269 -8.81 12.92 -2.34
CA VAL A 269 -9.24 12.13 -3.49
C VAL A 269 -8.68 10.71 -3.49
N ALA A 270 -7.75 10.41 -2.60
CA ALA A 270 -7.18 9.09 -2.62
C ALA A 270 -8.06 8.12 -1.86
N ASP A 271 -7.87 6.84 -2.11
CA ASP A 271 -8.31 5.82 -1.17
C ASP A 271 -7.25 5.72 -0.08
N ALA A 272 -7.40 4.73 0.81
CA ALA A 272 -6.48 4.58 1.92
C ALA A 272 -5.05 4.37 1.43
N ALA A 273 -4.86 3.82 0.24
CA ALA A 273 -3.52 3.48 -0.20
C ALA A 273 -2.84 4.59 -0.98
N GLY A 274 -3.54 5.68 -1.29
CA GLY A 274 -2.93 6.80 -1.98
C GLY A 274 -3.39 7.03 -3.40
N TRP A 275 -4.22 6.14 -3.95
CA TRP A 275 -4.57 6.24 -5.36
C TRP A 275 -5.90 6.95 -5.53
N VAL A 276 -6.13 7.45 -6.74
CA VAL A 276 -7.35 8.16 -7.05
C VAL A 276 -8.52 7.18 -7.02
N ASP A 277 -9.43 7.40 -6.08
CA ASP A 277 -10.54 6.51 -5.79
C ASP A 277 -11.62 6.69 -6.85
N VAL A 278 -11.51 5.95 -7.95
CA VAL A 278 -12.47 6.08 -9.04
C VAL A 278 -13.33 4.84 -9.15
N ASP A 279 -14.60 5.06 -9.50
CA ASP A 279 -15.46 3.97 -9.95
C ASP A 279 -14.70 3.10 -10.93
N LYS A 280 -14.72 1.79 -10.69
CA LYS A 280 -13.96 0.85 -11.50
C LYS A 280 -14.40 0.80 -12.96
N GLU A 281 -15.64 1.22 -13.28
CA GLU A 281 -16.20 1.09 -14.63
C GLU A 281 -16.28 2.40 -15.43
N THR A 282 -16.46 3.54 -14.77
CA THR A 282 -16.67 4.80 -15.48
C THR A 282 -15.49 5.76 -15.36
N LEU A 283 -14.58 5.52 -14.42
CA LEU A 283 -13.43 6.36 -14.08
C LEU A 283 -13.81 7.69 -13.42
N GLN A 284 -15.09 7.86 -13.05
CA GLN A 284 -15.49 8.99 -12.23
C GLN A 284 -15.16 8.71 -10.77
N HIS A 285 -14.76 9.75 -10.05
CA HIS A 285 -14.32 9.58 -8.67
C HIS A 285 -15.47 9.11 -7.79
N ARG A 286 -15.15 8.27 -6.83
CA ARG A 286 -16.18 7.61 -6.05
C ARG A 286 -16.88 8.55 -5.07
N ARG A 287 -16.26 9.68 -4.72
CA ARG A 287 -16.79 10.58 -3.69
C ARG A 287 -17.00 12.03 -4.15
N TYR A 288 -16.43 12.42 -5.29
CA TYR A 288 -16.48 13.79 -5.81
C TYR A 288 -16.95 13.72 -7.25
N PRO A 289 -18.23 13.98 -7.51
CA PRO A 289 -18.81 13.61 -8.81
C PRO A 289 -18.21 14.35 -10.01
N ASN A 290 -17.54 15.47 -9.79
CA ASN A 290 -16.93 16.22 -10.88
C ASN A 290 -15.46 15.92 -11.02
N VAL A 291 -14.99 14.82 -10.42
CA VAL A 291 -13.58 14.44 -10.49
C VAL A 291 -13.46 13.11 -11.21
N PHE A 292 -12.37 12.97 -11.97
CA PHE A 292 -12.14 11.78 -12.76
C PHE A 292 -10.67 11.41 -12.65
N GLY A 293 -10.38 10.12 -12.79
CA GLY A 293 -9.02 9.65 -12.78
C GLY A 293 -8.72 8.79 -13.98
N ILE A 294 -7.45 8.75 -14.36
CA ILE A 294 -7.02 7.94 -15.49
C ILE A 294 -5.58 7.56 -15.29
N GLY A 295 -5.25 6.31 -15.67
CA GLY A 295 -3.86 5.89 -15.78
C GLY A 295 -3.28 5.38 -14.47
N ASP A 296 -1.97 5.60 -14.31
CA ASP A 296 -1.24 4.96 -13.21
C ASP A 296 -1.64 5.46 -11.83
N CYS A 297 -2.15 6.69 -11.72
CA CYS A 297 -2.38 7.22 -10.38
C CYS A 297 -3.64 6.69 -9.73
N THR A 298 -4.43 5.92 -10.47
CA THR A 298 -5.74 5.49 -10.05
C THR A 298 -5.65 4.17 -9.29
N ASN A 299 -6.81 3.70 -8.79
CA ASN A 299 -6.96 2.40 -8.16
C ASN A 299 -7.73 1.44 -9.05
N LEU A 300 -7.63 1.62 -10.35
CA LEU A 300 -8.16 0.67 -11.30
C LEU A 300 -7.48 -0.68 -11.17
N PRO A 301 -8.14 -1.71 -10.64
CA PRO A 301 -7.46 -3.01 -10.48
C PRO A 301 -7.10 -3.65 -11.81
N THR A 302 -6.13 -3.08 -12.51
CA THR A 302 -5.58 -3.66 -13.73
C THR A 302 -4.12 -3.24 -13.86
N SER A 303 -3.47 -3.69 -14.92
CA SER A 303 -2.10 -3.28 -15.18
C SER A 303 -1.98 -1.79 -15.46
N LYS A 304 -0.92 -1.19 -14.93
CA LYS A 304 -0.59 0.21 -15.16
C LYS A 304 0.28 0.29 -16.42
N THR A 305 -0.39 0.41 -17.57
CA THR A 305 0.28 0.51 -18.86
C THR A 305 -0.36 1.63 -19.66
N ALA A 306 0.36 2.11 -20.69
CA ALA A 306 -0.19 3.12 -21.60
C ALA A 306 -1.29 2.56 -22.49
N ALA A 307 -1.26 1.26 -22.80
CA ALA A 307 -2.41 0.70 -23.52
C ALA A 307 -3.65 0.79 -22.67
N ALA A 308 -3.52 0.52 -21.37
CA ALA A 308 -4.65 0.74 -20.47
C ALA A 308 -5.14 2.17 -20.54
N VAL A 309 -4.21 3.12 -20.48
CA VAL A 309 -4.59 4.53 -20.61
C VAL A 309 -5.46 4.74 -21.84
N ALA A 310 -5.02 4.21 -22.99
CA ALA A 310 -5.72 4.46 -24.24
C ALA A 310 -7.14 3.93 -24.19
N ALA A 311 -7.33 2.71 -23.69
CA ALA A 311 -8.67 2.18 -23.51
C ALA A 311 -9.47 3.04 -22.54
N GLN A 312 -8.87 3.35 -21.39
CA GLN A 312 -9.54 4.20 -20.39
C GLN A 312 -10.01 5.52 -21.00
N SER A 313 -9.14 6.19 -21.76
CA SER A 313 -9.48 7.50 -22.31
C SER A 313 -10.77 7.47 -23.14
N GLY A 314 -10.96 6.42 -23.93
CA GLY A 314 -12.22 6.30 -24.66
C GLY A 314 -13.41 6.20 -23.74
N ILE A 315 -13.25 5.47 -22.62
CA ILE A 315 -14.32 5.34 -21.64
C ILE A 315 -14.59 6.66 -20.96
N LEU A 316 -13.51 7.38 -20.58
CA LEU A 316 -13.66 8.55 -19.73
C LEU A 316 -14.21 9.73 -20.52
N ASP A 317 -13.75 9.91 -21.76
CA ASP A 317 -14.41 10.77 -22.74
C ASP A 317 -15.94 10.60 -22.71
N ARG A 318 -16.43 9.37 -22.85
CA ARG A 318 -17.86 9.17 -22.84
C ARG A 318 -18.44 9.45 -21.47
N THR A 319 -17.78 9.00 -20.41
CA THR A 319 -18.24 9.30 -19.05
C THR A 319 -18.41 10.79 -18.85
N ILE A 320 -17.35 11.56 -19.09
CA ILE A 320 -17.40 12.99 -18.83
C ILE A 320 -18.48 13.64 -19.69
N SER A 321 -18.49 13.28 -20.98
CA SER A 321 -19.47 13.84 -21.92
C SER A 321 -20.89 13.72 -21.40
N VAL A 322 -21.29 12.51 -20.98
CA VAL A 322 -22.68 12.32 -20.55
C VAL A 322 -22.90 12.94 -19.17
N ILE A 323 -21.89 12.93 -18.30
CA ILE A 323 -22.02 13.61 -17.02
C ILE A 323 -22.31 15.08 -17.27
N MET A 324 -21.70 15.65 -18.31
CA MET A 324 -21.92 17.05 -18.65
C MET A 324 -23.35 17.32 -19.07
N LYS A 325 -24.02 16.35 -19.69
CA LYS A 325 -25.43 16.49 -20.04
C LYS A 325 -26.36 16.02 -18.91
N ASN A 326 -25.79 15.75 -17.73
CA ASN A 326 -26.57 15.35 -16.56
C ASN A 326 -27.30 14.04 -16.79
N GLN A 327 -26.66 13.11 -17.48
CA GLN A 327 -27.18 11.77 -17.64
C GLN A 327 -26.27 10.77 -16.92
N THR A 328 -26.75 9.54 -16.76
CA THR A 328 -25.91 8.60 -16.00
C THR A 328 -25.03 7.82 -16.97
N PRO A 329 -23.74 7.70 -16.70
CA PRO A 329 -22.85 7.02 -17.65
C PRO A 329 -23.27 5.56 -17.88
N THR A 330 -23.08 5.09 -19.12
CA THR A 330 -23.47 3.77 -19.57
C THR A 330 -22.26 2.91 -19.92
N LYS A 331 -21.34 3.36 -20.78
CA LYS A 331 -20.23 2.49 -21.15
C LYS A 331 -19.32 2.15 -19.96
N LYS A 332 -18.76 0.94 -19.99
CA LYS A 332 -18.05 0.34 -18.87
C LYS A 332 -16.68 -0.14 -19.32
N TYR A 333 -15.63 0.42 -18.72
CA TYR A 333 -14.26 -0.07 -18.94
C TYR A 333 -14.16 -1.54 -18.53
N ASP A 334 -13.46 -2.34 -19.33
CA ASP A 334 -13.34 -3.76 -19.08
C ASP A 334 -12.02 -4.13 -18.41
N GLY A 335 -11.18 -3.16 -18.08
CA GLY A 335 -9.86 -3.48 -17.60
C GLY A 335 -8.83 -3.79 -18.66
N TYR A 336 -9.13 -3.57 -19.94
CA TYR A 336 -8.17 -3.88 -21.01
C TYR A 336 -6.81 -3.30 -20.68
N THR A 337 -5.78 -4.11 -20.86
CA THR A 337 -4.39 -3.67 -20.80
C THR A 337 -3.58 -4.56 -21.72
N SER A 338 -2.28 -4.32 -21.77
CA SER A 338 -1.41 -5.14 -22.62
C SER A 338 0.04 -4.97 -22.19
N CYS A 339 0.81 -6.05 -22.20
CA CYS A 339 2.26 -6.01 -21.99
C CYS A 339 2.90 -6.67 -23.21
N PRO A 340 3.47 -5.90 -24.11
CA PRO A 340 4.17 -6.50 -25.23
C PRO A 340 5.50 -7.05 -24.74
N LEU A 341 5.52 -8.31 -24.34
CA LEU A 341 6.68 -8.89 -23.67
C LEU A 341 7.79 -9.14 -24.69
N VAL A 342 8.81 -8.30 -24.67
CA VAL A 342 9.96 -8.46 -25.56
C VAL A 342 10.84 -9.59 -25.04
N THR A 343 11.04 -10.61 -25.86
CA THR A 343 11.80 -11.79 -25.46
C THR A 343 13.10 -11.95 -26.24
N GLY A 344 13.52 -10.92 -26.96
CA GLY A 344 14.64 -10.98 -27.86
C GLY A 344 14.61 -9.79 -28.79
N TYR A 345 15.74 -9.54 -29.45
CA TYR A 345 15.86 -8.36 -30.29
C TYR A 345 14.92 -8.40 -31.50
N ASN A 346 14.15 -9.48 -31.65
CA ASN A 346 13.36 -9.76 -32.83
C ASN A 346 12.04 -10.45 -32.52
N ARG A 347 11.63 -10.52 -31.24
CA ARG A 347 10.47 -11.32 -30.85
C ARG A 347 9.71 -10.68 -29.69
N VAL A 348 8.37 -10.62 -29.80
CA VAL A 348 7.50 -10.15 -28.73
C VAL A 348 6.36 -11.13 -28.51
N ILE A 349 6.08 -11.44 -27.25
CA ILE A 349 4.85 -12.12 -26.83
C ILE A 349 3.87 -11.02 -26.43
N LEU A 350 2.88 -10.77 -27.29
CA LEU A 350 1.91 -9.69 -27.08
C LEU A 350 0.83 -10.19 -26.12
N ALA A 351 0.93 -9.78 -24.85
CA ALA A 351 -0.01 -10.19 -23.81
C ALA A 351 -1.10 -9.13 -23.68
N GLU A 352 -2.36 -9.54 -23.87
CA GLU A 352 -3.49 -8.65 -23.72
C GLU A 352 -4.56 -9.33 -22.87
N PHE A 353 -4.99 -8.69 -21.80
CA PHE A 353 -6.01 -9.25 -20.90
C PHE A 353 -6.88 -8.11 -20.36
N ASP A 354 -7.78 -8.46 -19.44
CA ASP A 354 -8.79 -7.53 -18.94
C ASP A 354 -8.86 -7.65 -17.41
N TYR A 355 -9.89 -7.04 -16.83
CA TYR A 355 -10.09 -7.05 -15.39
C TYR A 355 -10.04 -8.45 -14.80
N LYS A 356 -10.59 -9.44 -15.50
CA LYS A 356 -10.64 -10.83 -15.06
C LYS A 356 -9.33 -11.60 -15.27
N ALA A 357 -8.22 -10.90 -15.56
CA ALA A 357 -6.94 -11.49 -15.94
C ALA A 357 -7.11 -12.66 -16.90
N GLU A 358 -7.94 -12.48 -17.90
CA GLU A 358 -8.05 -13.52 -18.90
C GLU A 358 -7.65 -12.95 -20.25
N PRO A 359 -7.11 -13.76 -21.14
CA PRO A 359 -6.70 -13.25 -22.45
C PRO A 359 -7.85 -12.56 -23.19
N LEU A 360 -7.49 -11.55 -23.98
CA LEU A 360 -8.42 -10.71 -24.74
C LEU A 360 -7.64 -10.22 -25.96
N GLU A 361 -7.22 -11.17 -26.79
CA GLU A 361 -6.31 -10.87 -27.88
C GLU A 361 -7.01 -10.14 -29.02
N THR A 362 -6.27 -9.21 -29.61
CA THR A 362 -6.79 -8.42 -30.71
C THR A 362 -6.72 -9.20 -32.02
N PHE A 363 -5.67 -9.91 -32.23
CA PHE A 363 -5.41 -10.58 -33.49
C PHE A 363 -5.90 -12.04 -33.44
N PRO A 364 -6.20 -12.64 -34.60
CA PRO A 364 -6.76 -13.99 -34.58
C PRO A 364 -5.74 -15.08 -34.37
N PHE A 365 -4.45 -14.78 -34.53
CA PHE A 365 -3.42 -15.77 -34.25
C PHE A 365 -3.06 -15.76 -32.77
N ASP A 366 -2.34 -16.81 -32.35
CA ASP A 366 -1.99 -17.01 -30.95
C ASP A 366 -0.82 -16.09 -30.59
N GLN A 367 -1.09 -15.11 -29.75
CA GLN A 367 -0.11 -14.11 -29.39
C GLN A 367 0.80 -14.56 -28.26
N SER A 368 0.54 -15.74 -27.68
CA SER A 368 1.49 -16.33 -26.75
C SER A 368 2.73 -16.83 -27.45
N LYS A 369 2.72 -16.89 -28.77
CA LYS A 369 3.90 -17.28 -29.52
C LYS A 369 4.82 -16.08 -29.67
N GLU A 370 6.12 -16.30 -29.46
CA GLU A 370 7.11 -15.31 -29.86
C GLU A 370 6.94 -14.97 -31.33
N ARG A 371 6.50 -13.75 -31.64
CA ARG A 371 6.28 -13.37 -33.01
C ARG A 371 7.15 -12.18 -33.38
N LEU A 372 7.56 -12.18 -34.65
CA LEU A 372 8.28 -11.04 -35.21
C LEU A 372 7.32 -9.90 -35.54
N SER A 373 6.13 -10.21 -36.05
CA SER A 373 5.14 -9.19 -36.31
C SER A 373 4.89 -8.34 -35.07
N MET A 374 4.88 -8.98 -33.92
CA MET A 374 4.61 -8.25 -32.70
C MET A 374 5.81 -7.43 -32.25
N TYR A 375 7.03 -7.88 -32.53
CA TYR A 375 8.17 -7.06 -32.19
C TYR A 375 8.17 -5.76 -32.99
N LEU A 376 8.03 -5.87 -34.31
CA LEU A 376 7.96 -4.69 -35.16
C LEU A 376 6.84 -3.77 -34.73
N MET A 377 5.72 -4.33 -34.28
CA MET A 377 4.64 -3.47 -33.82
C MET A 377 5.06 -2.69 -32.59
N LYS A 378 5.72 -3.35 -31.64
CA LYS A 378 6.13 -2.68 -30.42
C LYS A 378 7.19 -1.62 -30.69
N ALA A 379 8.20 -1.97 -31.48
CA ALA A 379 9.36 -1.11 -31.65
C ALA A 379 9.10 0.05 -32.61
N ASP A 380 8.20 -0.12 -33.58
CA ASP A 380 8.11 0.91 -34.61
C ASP A 380 6.71 1.46 -34.81
N LEU A 381 5.69 0.61 -34.81
CA LEU A 381 4.36 1.13 -35.15
C LEU A 381 3.71 1.84 -33.98
N MET A 382 3.79 1.26 -32.79
CA MET A 382 3.19 1.87 -31.60
C MET A 382 3.77 3.25 -31.30
N PRO A 383 5.10 3.45 -31.24
CA PRO A 383 5.61 4.82 -31.03
C PRO A 383 5.05 5.84 -32.02
N PHE A 384 5.00 5.48 -33.31
CA PHE A 384 4.44 6.38 -34.32
C PHE A 384 2.99 6.73 -34.02
N LEU A 385 2.17 5.72 -33.70
CA LEU A 385 0.74 5.98 -33.47
C LEU A 385 0.51 6.62 -32.12
N TYR A 386 1.44 6.45 -31.20
CA TYR A 386 1.37 7.20 -29.95
C TYR A 386 1.47 8.69 -30.21
N TRP A 387 2.53 9.12 -30.91
CA TRP A 387 2.71 10.55 -31.15
C TRP A 387 1.61 11.11 -32.04
N ASN A 388 1.17 10.34 -33.03
CA ASN A 388 0.44 10.92 -34.14
C ASN A 388 -1.05 10.62 -34.11
N MET A 389 -1.50 9.73 -33.23
CA MET A 389 -2.95 9.55 -33.13
C MET A 389 -3.42 9.28 -31.72
N MET A 390 -2.59 8.70 -30.84
CA MET A 390 -3.04 8.58 -29.46
C MET A 390 -3.03 9.92 -28.74
N LEU A 391 -1.93 10.67 -28.84
CA LEU A 391 -1.84 11.97 -28.15
C LEU A 391 -2.68 13.07 -28.81
N ARG A 392 -3.08 12.89 -30.08
CA ARG A 392 -4.06 13.78 -30.68
C ARG A 392 -5.49 13.41 -30.31
N GLY A 393 -5.70 12.25 -29.69
CA GLY A 393 -6.97 11.91 -29.11
C GLY A 393 -7.78 10.86 -29.84
N TYR A 394 -7.16 10.12 -30.77
CA TYR A 394 -7.89 9.27 -31.72
C TYR A 394 -7.62 7.78 -31.55
N TRP A 395 -7.08 7.35 -30.42
CA TRP A 395 -6.90 5.92 -30.15
C TRP A 395 -7.49 5.59 -28.78
N GLY A 396 -8.51 4.73 -28.75
CA GLY A 396 -9.09 4.22 -27.53
C GLY A 396 -8.87 2.74 -27.34
N GLY A 397 -9.92 2.00 -27.02
CA GLY A 397 -9.82 0.56 -26.97
C GLY A 397 -9.40 0.00 -28.34
N PRO A 398 -8.79 -1.19 -28.36
CA PRO A 398 -8.69 -1.91 -29.63
C PRO A 398 -9.87 -2.87 -29.81
N ALA A 399 -10.96 -2.61 -29.07
CA ALA A 399 -12.14 -3.48 -29.18
C ALA A 399 -12.64 -3.57 -30.62
N PHE A 400 -12.63 -2.46 -31.36
CA PHE A 400 -13.17 -2.50 -32.72
C PHE A 400 -12.29 -3.34 -33.65
N LEU A 401 -10.98 -3.12 -33.62
CA LEU A 401 -10.10 -3.98 -34.40
C LEU A 401 -10.18 -5.42 -33.93
N ARG A 402 -10.34 -5.64 -32.63
CA ARG A 402 -10.48 -7.01 -32.14
C ARG A 402 -11.72 -7.67 -32.75
N LYS A 403 -12.84 -6.95 -32.80
CA LYS A 403 -14.02 -7.48 -33.48
C LYS A 403 -13.79 -7.55 -34.99
N LEU A 404 -13.16 -6.51 -35.55
CA LEU A 404 -12.86 -6.47 -36.97
C LEU A 404 -12.06 -7.69 -37.42
N PHE A 405 -11.20 -8.22 -36.56
CA PHE A 405 -10.38 -9.38 -36.92
C PHE A 405 -11.06 -10.72 -36.69
N HIS A 406 -12.37 -10.73 -36.43
CA HIS A 406 -13.07 -11.98 -36.15
C HIS A 406 -14.46 -11.98 -36.82
N ASN B 2 14.61 23.25 20.67
CA ASN B 2 15.45 22.66 21.69
C ASN B 2 15.87 21.22 21.33
N HIS B 3 16.78 20.64 22.10
CA HIS B 3 17.43 19.37 21.78
C HIS B 3 17.23 18.34 22.88
N TYR B 4 17.03 17.09 22.46
CA TYR B 4 16.87 15.96 23.35
C TYR B 4 17.71 14.80 22.86
N GLU B 5 18.25 14.04 23.81
CA GLU B 5 19.01 12.85 23.48
C GLU B 5 18.12 11.81 22.81
N VAL B 6 16.98 11.52 23.41
CA VAL B 6 16.03 10.58 22.83
C VAL B 6 14.71 11.30 22.66
N LEU B 7 14.22 11.37 21.43
CA LEU B 7 12.93 11.91 21.11
C LEU B 7 12.01 10.75 20.71
N VAL B 8 10.86 10.65 21.37
CA VAL B 8 9.84 9.67 21.02
C VAL B 8 8.69 10.38 20.32
N LEU B 9 8.32 9.86 19.15
CA LEU B 9 7.16 10.36 18.41
C LEU B 9 5.98 9.44 18.72
N GLY B 10 5.08 9.92 19.57
CA GLY B 10 3.83 9.25 19.93
C GLY B 10 3.79 8.87 21.39
N GLY B 11 2.65 9.17 22.03
CA GLY B 11 2.36 8.79 23.40
C GLY B 11 1.26 7.76 23.55
N GLY B 12 1.28 6.72 22.72
CA GLY B 12 0.43 5.55 22.85
C GLY B 12 1.17 4.39 23.47
N SER B 13 0.88 3.18 23.01
CA SER B 13 1.48 1.99 23.61
C SER B 13 3.00 2.01 23.52
N GLY B 14 3.55 1.97 22.30
CA GLY B 14 4.99 1.87 22.16
C GLY B 14 5.76 3.10 22.63
N GLY B 15 5.21 4.28 22.38
CA GLY B 15 5.88 5.50 22.78
C GLY B 15 6.09 5.55 24.27
N ILE B 16 5.00 5.43 25.03
CA ILE B 16 5.09 5.40 26.48
C ILE B 16 6.02 4.27 26.92
N THR B 17 5.86 3.10 26.34
CA THR B 17 6.74 1.98 26.69
C THR B 17 8.19 2.32 26.43
N MET B 18 8.52 2.77 25.22
CA MET B 18 9.92 3.03 24.92
C MET B 18 10.45 4.22 25.72
N ALA B 19 9.60 5.21 26.00
CA ALA B 19 10.03 6.33 26.82
C ALA B 19 10.38 5.89 28.22
N ALA B 20 9.53 5.05 28.83
CA ALA B 20 9.87 4.45 30.11
C ALA B 20 11.22 3.74 30.04
N ARG B 21 11.44 2.99 28.97
CA ARG B 21 12.67 2.21 28.85
C ARG B 21 13.87 3.11 28.62
N MET B 22 13.72 4.18 27.84
CA MET B 22 14.86 5.05 27.62
C MET B 22 15.21 5.88 28.84
N LYS B 23 14.23 6.22 29.68
CA LYS B 23 14.49 6.96 30.91
C LYS B 23 15.57 6.30 31.77
N ARG B 24 15.43 5.00 32.02
CA ARG B 24 16.45 4.22 32.69
C ARG B 24 17.74 4.05 31.89
N LYS B 25 17.81 4.53 30.64
CA LYS B 25 19.07 4.47 29.90
C LYS B 25 19.83 5.80 29.94
N VAL B 26 19.17 6.90 29.55
CA VAL B 26 19.84 8.18 29.37
C VAL B 26 19.43 9.21 30.41
N GLY B 27 18.56 8.84 31.35
CA GLY B 27 18.02 9.82 32.27
C GLY B 27 16.75 10.46 31.76
N ALA B 28 15.77 10.63 32.66
CA ALA B 28 14.49 11.19 32.27
C ALA B 28 14.64 12.56 31.62
N GLU B 29 15.64 13.34 32.04
CA GLU B 29 15.84 14.71 31.57
C GLU B 29 16.27 14.78 30.10
N ASN B 30 16.62 13.65 29.48
CA ASN B 30 17.07 13.63 28.10
C ASN B 30 16.13 12.81 27.22
N VAL B 31 14.87 12.66 27.66
CA VAL B 31 13.81 11.99 26.91
C VAL B 31 12.63 12.94 26.79
N ALA B 32 11.93 12.88 25.66
CA ALA B 32 10.70 13.66 25.48
C ALA B 32 9.75 12.88 24.59
N ILE B 33 8.46 13.04 24.85
CA ILE B 33 7.40 12.38 24.10
C ILE B 33 6.60 13.45 23.36
N VAL B 34 6.49 13.32 22.04
CA VAL B 34 5.62 14.20 21.26
C VAL B 34 4.32 13.48 21.01
N GLU B 35 3.21 14.11 21.40
CA GLU B 35 1.89 13.51 21.35
C GLU B 35 0.85 14.61 21.51
N PRO B 36 -0.22 14.59 20.71
CA PRO B 36 -1.24 15.61 20.83
C PRO B 36 -2.45 15.24 21.70
N SER B 37 -2.74 13.96 21.97
CA SER B 37 -3.91 13.55 22.75
C SER B 37 -3.80 13.90 24.23
N GLU B 38 -4.93 14.31 24.82
CA GLU B 38 -5.05 14.39 26.28
C GLU B 38 -5.24 13.01 26.91
N ARG B 39 -5.64 12.02 26.13
CA ARG B 39 -6.02 10.73 26.66
C ARG B 39 -5.27 9.60 25.96
N HIS B 40 -4.87 8.62 26.76
CA HIS B 40 -4.16 7.43 26.32
C HIS B 40 -5.08 6.24 26.58
N PHE B 41 -5.38 5.48 25.54
CA PHE B 41 -6.30 4.38 25.68
C PHE B 41 -5.58 3.04 25.56
N TYR B 42 -6.03 2.08 26.38
CA TYR B 42 -5.75 0.65 26.18
C TYR B 42 -6.77 0.15 25.16
N GLN B 43 -6.44 0.26 23.88
CA GLN B 43 -7.42 -0.05 22.85
C GLN B 43 -7.92 -1.49 22.84
N PRO B 44 -7.14 -2.52 23.23
CA PRO B 44 -7.67 -3.88 23.20
C PRO B 44 -9.02 -4.06 23.85
N ILE B 45 -9.27 -3.43 25.00
CA ILE B 45 -10.52 -3.67 25.71
C ILE B 45 -11.72 -3.11 24.95
N TRP B 46 -11.49 -2.17 24.01
CA TRP B 46 -12.58 -1.62 23.21
C TRP B 46 -13.44 -2.70 22.57
N THR B 47 -12.90 -3.89 22.35
CA THR B 47 -13.69 -5.01 21.87
C THR B 47 -14.82 -5.35 22.85
N LEU B 48 -14.50 -5.43 24.15
CA LEU B 48 -15.50 -5.79 25.13
C LEU B 48 -16.45 -4.64 25.42
N VAL B 49 -15.97 -3.41 25.26
CA VAL B 49 -16.87 -2.26 25.36
C VAL B 49 -17.97 -2.37 24.32
N GLY B 50 -17.59 -2.68 23.08
CA GLY B 50 -18.57 -2.79 22.01
C GLY B 50 -19.58 -3.89 22.24
N ALA B 51 -19.19 -4.93 22.98
CA ALA B 51 -20.13 -5.96 23.38
C ALA B 51 -20.84 -5.62 24.68
N GLY B 52 -20.55 -4.45 25.26
CA GLY B 52 -21.13 -4.04 26.52
C GLY B 52 -20.59 -4.75 27.74
N ALA B 53 -19.46 -5.45 27.62
CA ALA B 53 -18.93 -6.23 28.75
C ALA B 53 -18.06 -5.38 29.68
N LYS B 54 -17.38 -4.38 29.15
CA LYS B 54 -16.56 -3.50 29.93
C LYS B 54 -16.90 -2.07 29.53
N GLN B 55 -16.33 -1.10 30.23
CA GLN B 55 -16.74 0.30 30.12
C GLN B 55 -15.67 1.18 29.48
N LEU B 56 -16.11 2.14 28.66
CA LEU B 56 -15.19 3.00 27.93
C LEU B 56 -14.33 3.87 28.85
N SER B 57 -14.79 4.17 30.06
CA SER B 57 -14.00 4.99 30.97
C SER B 57 -12.79 4.22 31.50
N SER B 58 -12.98 2.98 31.94
CA SER B 58 -11.87 2.10 32.36
C SER B 58 -10.79 1.85 31.28
N SER B 59 -11.00 2.32 30.05
CA SER B 59 -10.12 1.91 28.96
C SER B 59 -9.03 2.92 28.67
N GLY B 60 -9.15 4.13 29.21
CA GLY B 60 -8.15 5.15 29.04
C GLY B 60 -7.84 5.84 30.36
N ARG B 61 -6.78 6.63 30.36
CA ARG B 61 -6.42 7.51 31.48
C ARG B 61 -5.86 8.79 30.88
N PRO B 62 -5.68 9.87 31.65
CA PRO B 62 -5.09 11.07 31.07
C PRO B 62 -3.65 10.82 30.66
N THR B 63 -3.23 11.48 29.57
CA THR B 63 -1.89 11.22 29.07
C THR B 63 -0.85 11.59 30.12
N ALA B 64 -1.10 12.65 30.88
CA ALA B 64 -0.19 13.04 31.95
C ALA B 64 0.09 11.88 32.91
N SER B 65 -0.94 11.07 33.19
CA SER B 65 -0.86 10.02 34.19
C SER B 65 -0.02 8.82 33.77
N VAL B 66 0.28 8.69 32.48
CA VAL B 66 1.13 7.59 32.00
C VAL B 66 2.48 8.07 31.50
N ILE B 67 2.70 9.37 31.40
CA ILE B 67 4.04 9.87 31.09
C ILE B 67 4.97 9.52 32.26
N PRO B 68 6.13 8.92 32.00
CA PRO B 68 7.06 8.65 33.10
C PRO B 68 7.56 9.97 33.71
N SER B 69 7.75 9.97 35.02
CA SER B 69 8.05 11.23 35.68
C SER B 69 9.37 11.79 35.17
N GLY B 70 9.43 13.11 35.05
CA GLY B 70 10.60 13.79 34.53
C GLY B 70 10.79 13.74 33.03
N VAL B 71 9.88 13.13 32.27
CA VAL B 71 9.99 13.11 30.80
C VAL B 71 9.10 14.22 30.23
N GLU B 72 9.65 14.99 29.29
CA GLU B 72 8.94 16.14 28.75
C GLU B 72 7.84 15.68 27.80
N TRP B 73 6.65 16.22 28.02
CA TRP B 73 5.50 16.00 27.18
C TRP B 73 5.34 17.25 26.32
N ILE B 74 5.65 17.13 25.03
CA ILE B 74 5.47 18.20 24.05
C ILE B 74 4.10 17.98 23.43
N LYS B 75 3.08 18.65 23.98
CA LYS B 75 1.72 18.52 23.46
C LYS B 75 1.65 19.20 22.11
N ALA B 76 2.10 18.49 21.08
CA ALA B 76 1.98 18.96 19.71
C ALA B 76 1.78 17.73 18.82
N ARG B 77 1.71 17.96 17.49
CA ARG B 77 1.75 16.84 16.57
C ARG B 77 2.85 17.03 15.55
N VAL B 78 3.62 15.96 15.33
CA VAL B 78 4.66 15.94 14.30
C VAL B 78 4.07 16.35 12.96
N THR B 79 4.67 17.35 12.34
CA THR B 79 4.27 17.75 11.00
C THR B 79 5.35 17.52 9.95
N GLU B 80 6.59 17.30 10.35
CA GLU B 80 7.65 16.98 9.39
C GLU B 80 8.79 16.27 10.11
N LEU B 81 9.42 15.33 9.44
CA LEU B 81 10.60 14.62 9.96
C LEU B 81 11.75 14.82 8.98
N ASN B 82 12.75 15.62 9.37
CA ASN B 82 13.93 15.72 8.52
C ASN B 82 15.08 14.94 9.14
N PRO B 83 15.12 13.62 8.95
CA PRO B 83 16.17 12.82 9.60
C PRO B 83 17.56 13.18 9.10
N ASP B 84 17.68 13.67 7.87
CA ASP B 84 18.99 14.04 7.37
C ASP B 84 19.57 15.21 8.14
N LYS B 85 18.73 15.98 8.83
CA LYS B 85 19.19 17.00 9.76
C LYS B 85 18.95 16.61 11.23
N ASN B 86 18.49 15.39 11.48
CA ASN B 86 18.18 14.92 12.84
C ASN B 86 17.20 15.85 13.55
N CYS B 87 16.07 16.12 12.91
CA CYS B 87 15.11 17.04 13.50
C CYS B 87 13.69 16.74 13.01
N ILE B 88 12.73 17.33 13.71
CA ILE B 88 11.32 17.24 13.36
C ILE B 88 10.71 18.61 13.56
N HIS B 89 9.55 18.81 12.93
CA HIS B 89 8.78 20.04 13.04
C HIS B 89 7.42 19.67 13.63
N THR B 90 6.93 20.49 14.55
CA THR B 90 5.62 20.27 15.13
C THR B 90 4.68 21.38 14.67
N ASP B 91 3.37 21.11 14.82
CA ASP B 91 2.30 21.98 14.34
C ASP B 91 2.19 23.30 15.09
N ASP B 92 2.88 23.45 16.23
CA ASP B 92 3.01 24.77 16.85
C ASP B 92 4.26 25.52 16.33
N ASP B 93 4.80 25.07 15.19
CA ASP B 93 5.92 25.73 14.49
C ASP B 93 7.24 25.64 15.24
N GLU B 94 7.46 24.53 15.91
CA GLU B 94 8.73 24.24 16.54
C GLU B 94 9.58 23.35 15.63
N LYS B 95 10.89 23.34 15.91
CA LYS B 95 11.83 22.37 15.37
C LYS B 95 12.59 21.75 16.53
N ILE B 96 12.55 20.42 16.63
CA ILE B 96 13.11 19.70 17.77
C ILE B 96 14.16 18.73 17.26
N SER B 97 15.37 18.88 17.78
CA SER B 97 16.52 18.07 17.40
C SER B 97 16.66 16.89 18.36
N TYR B 98 17.13 15.77 17.81
CA TYR B 98 17.33 14.54 18.56
C TYR B 98 18.70 13.97 18.26
N ARG B 99 19.24 13.22 19.23
CA ARG B 99 20.33 12.28 18.93
C ARG B 99 19.78 10.96 18.42
N TYR B 100 18.73 10.44 19.06
CA TYR B 100 18.04 9.24 18.61
C TYR B 100 16.54 9.49 18.57
N LEU B 101 15.87 8.79 17.66
CA LEU B 101 14.46 8.99 17.38
C LEU B 101 13.73 7.67 17.46
N ILE B 102 12.65 7.64 18.23
CA ILE B 102 11.77 6.47 18.30
C ILE B 102 10.43 6.88 17.73
N ILE B 103 10.11 6.32 16.57
CA ILE B 103 8.88 6.65 15.88
C ILE B 103 7.83 5.65 16.32
N ALA B 104 6.79 6.14 17.00
CA ALA B 104 5.77 5.27 17.57
C ALA B 104 4.40 5.90 17.35
N LEU B 105 4.08 6.19 16.08
CA LEU B 105 2.95 7.02 15.72
C LEU B 105 1.66 6.24 15.48
N GLY B 106 1.70 4.90 15.58
CA GLY B 106 0.51 4.10 15.47
C GLY B 106 0.03 3.94 14.04
N ILE B 107 -1.23 3.52 13.92
CA ILE B 107 -1.90 3.43 12.64
C ILE B 107 -3.01 4.47 12.62
N GLN B 108 -3.41 4.84 11.42
CA GLN B 108 -4.34 5.94 11.21
C GLN B 108 -5.65 5.40 10.66
N LEU B 109 -6.75 5.86 11.25
CA LEU B 109 -8.09 5.46 10.83
C LEU B 109 -8.57 6.34 9.70
N ASP B 110 -9.04 5.71 8.61
CA ASP B 110 -9.48 6.45 7.42
C ASP B 110 -10.95 6.20 7.10
N TYR B 111 -11.85 6.48 8.05
CA TYR B 111 -13.29 6.28 7.83
C TYR B 111 -13.79 7.02 6.60
N GLU B 112 -13.24 8.19 6.33
CA GLU B 112 -13.66 9.02 5.19
C GLU B 112 -13.43 8.35 3.84
N LYS B 113 -12.62 7.30 3.74
CA LYS B 113 -12.52 6.64 2.45
C LYS B 113 -13.75 5.79 2.12
N ILE B 114 -14.60 5.51 3.09
CA ILE B 114 -15.89 4.89 2.83
C ILE B 114 -16.88 6.02 2.63
N LYS B 115 -17.40 6.16 1.40
CA LYS B 115 -18.45 7.15 1.15
C LYS B 115 -19.59 6.99 2.14
N GLY B 116 -20.03 8.11 2.72
CA GLY B 116 -21.08 8.09 3.72
C GLY B 116 -20.57 8.20 5.15
N LEU B 117 -19.30 7.96 5.37
CA LEU B 117 -18.63 8.05 6.67
C LEU B 117 -17.66 9.22 6.69
N PRO B 118 -17.40 9.81 7.87
CA PRO B 118 -17.84 9.48 9.24
C PRO B 118 -19.23 10.01 9.61
N GLU B 119 -19.84 10.74 8.66
CA GLU B 119 -21.13 11.39 8.87
C GLU B 119 -22.22 10.41 9.31
N GLY B 120 -22.31 9.26 8.63
CA GLY B 120 -23.39 8.34 8.90
C GLY B 120 -23.44 7.81 10.32
N PHE B 121 -22.37 7.96 11.10
CA PHE B 121 -22.45 7.59 12.49
C PHE B 121 -23.42 8.46 13.28
N ALA B 122 -23.94 9.55 12.71
CA ALA B 122 -25.00 10.33 13.34
C ALA B 122 -26.31 9.54 13.41
N HIS B 123 -26.42 8.45 12.65
CA HIS B 123 -27.57 7.59 12.56
C HIS B 123 -27.39 6.36 13.44
N PRO B 124 -28.48 5.70 13.81
CA PRO B 124 -28.37 4.46 14.57
C PRO B 124 -28.14 3.22 13.71
N LYS B 125 -28.17 2.06 14.37
CA LYS B 125 -27.92 0.75 13.78
C LYS B 125 -26.51 0.56 13.24
N ILE B 126 -25.57 1.49 13.52
CA ILE B 126 -24.24 1.45 12.89
C ILE B 126 -23.19 1.90 13.89
N GLY B 127 -22.14 1.10 14.04
CA GLY B 127 -21.07 1.44 14.96
C GLY B 127 -19.72 0.97 14.45
N SER B 128 -18.67 1.31 15.20
CA SER B 128 -17.34 0.79 14.91
C SER B 128 -16.51 0.82 16.19
N ASN B 129 -15.90 -0.32 16.52
CA ASN B 129 -15.13 -0.48 17.74
C ASN B 129 -13.73 0.12 17.67
N TYR B 130 -13.31 0.62 16.52
CA TYR B 130 -11.96 1.15 16.39
C TYR B 130 -11.81 2.60 16.85
N SER B 131 -12.92 3.30 17.13
CA SER B 131 -12.88 4.72 17.43
C SER B 131 -13.60 4.99 18.75
N VAL B 132 -12.97 5.78 19.61
CA VAL B 132 -13.59 6.14 20.89
C VAL B 132 -14.91 6.88 20.67
N LYS B 133 -15.10 7.48 19.49
CA LYS B 133 -16.32 8.19 19.15
C LYS B 133 -17.42 7.27 18.63
N THR B 134 -17.08 6.02 18.27
CA THR B 134 -18.03 5.10 17.66
C THR B 134 -18.19 3.76 18.38
N VAL B 135 -17.35 3.43 19.37
CA VAL B 135 -17.39 2.10 19.96
C VAL B 135 -18.66 1.90 20.80
N GLU B 136 -19.15 2.93 21.48
CA GLU B 136 -20.39 2.72 22.21
C GLU B 136 -21.59 2.65 21.29
N LYS B 137 -21.48 3.15 20.04
CA LYS B 137 -22.58 2.99 19.08
C LYS B 137 -22.77 1.53 18.68
N THR B 138 -21.67 0.77 18.62
CA THR B 138 -21.75 -0.68 18.46
C THR B 138 -22.65 -1.32 19.51
N TRP B 139 -22.38 -1.03 20.78
CA TRP B 139 -23.19 -1.57 21.87
C TRP B 139 -24.67 -1.25 21.68
N LYS B 140 -24.99 0.01 21.36
CA LYS B 140 -26.40 0.36 21.19
C LYS B 140 -26.99 -0.29 19.96
N ALA B 141 -26.23 -0.36 18.86
CA ALA B 141 -26.72 -1.09 17.70
C ALA B 141 -27.02 -2.54 18.07
N LEU B 142 -26.28 -3.08 19.03
CA LEU B 142 -26.54 -4.44 19.50
C LEU B 142 -27.81 -4.51 20.32
N GLN B 143 -28.06 -3.48 21.13
CA GLN B 143 -29.27 -3.46 21.95
C GLN B 143 -30.50 -3.19 21.10
N ASP B 144 -30.45 -2.15 20.27
CA ASP B 144 -31.57 -1.74 19.45
C ASP B 144 -32.00 -2.77 18.43
N PHE B 145 -31.24 -3.86 18.27
CA PHE B 145 -31.44 -4.78 17.15
C PHE B 145 -32.80 -5.46 17.29
N LYS B 146 -33.62 -5.38 16.24
CA LYS B 146 -34.86 -6.15 16.16
C LYS B 146 -34.75 -7.28 15.15
N GLU B 147 -34.58 -6.97 13.88
CA GLU B 147 -34.69 -8.01 12.87
C GLU B 147 -33.95 -7.58 11.59
N GLY B 148 -33.19 -8.52 11.01
CA GLY B 148 -32.51 -8.30 9.76
C GLY B 148 -31.08 -8.82 9.76
N ASN B 149 -30.24 -8.20 8.91
CA ASN B 149 -28.84 -8.58 8.76
C ASN B 149 -27.99 -7.82 9.76
N ALA B 150 -27.02 -8.52 10.36
CA ALA B 150 -25.94 -7.94 11.15
C ALA B 150 -24.65 -8.13 10.36
N ILE B 151 -24.13 -7.04 9.77
CA ILE B 151 -22.97 -7.09 8.90
C ILE B 151 -21.74 -6.63 9.66
N PHE B 152 -20.66 -7.38 9.49
CA PHE B 152 -19.34 -7.08 10.04
C PHE B 152 -18.33 -7.07 8.90
N THR B 153 -17.57 -5.99 8.77
CA THR B 153 -16.70 -5.76 7.61
C THR B 153 -15.21 -5.88 7.92
N PHE B 154 -14.41 -5.99 6.86
CA PHE B 154 -12.95 -6.04 6.96
C PHE B 154 -12.37 -5.45 5.68
N PRO B 155 -11.53 -4.43 5.78
CA PRO B 155 -11.18 -3.61 4.61
C PRO B 155 -10.00 -4.20 3.84
N ASN B 156 -9.64 -3.50 2.77
CA ASN B 156 -8.57 -3.97 1.90
C ASN B 156 -7.29 -3.17 2.18
N THR B 157 -6.96 -3.10 3.48
CA THR B 157 -5.79 -2.39 3.99
C THR B 157 -5.20 -3.20 5.11
N PRO B 158 -3.92 -2.96 5.46
CA PRO B 158 -3.41 -3.41 6.76
C PRO B 158 -4.30 -2.84 7.82
N VAL B 159 -4.41 -3.57 8.95
CA VAL B 159 -5.22 -3.15 10.09
C VAL B 159 -4.49 -3.56 11.36
N LYS B 160 -4.99 -3.03 12.48
CA LYS B 160 -4.45 -3.39 13.79
C LYS B 160 -5.46 -4.31 14.47
N CSS B 161 -4.94 -5.33 15.15
CA CSS B 161 -5.73 -6.44 15.68
CB CSS B 161 -6.54 -6.14 16.97
SG CSS B 161 -7.07 -7.52 17.93
SD CSS B 161 -5.48 -8.90 17.87
C CSS B 161 -6.72 -6.95 14.60
O CSS B 161 -7.91 -6.69 14.63
N ALA B 162 -6.21 -7.72 13.65
CA ALA B 162 -7.02 -8.18 12.51
C ALA B 162 -8.05 -9.18 13.00
N GLY B 163 -7.87 -9.70 14.21
CA GLY B 163 -8.87 -10.59 14.78
C GLY B 163 -10.07 -9.87 15.37
N ALA B 164 -9.89 -8.62 15.79
CA ALA B 164 -10.98 -7.83 16.34
C ALA B 164 -12.22 -7.74 15.46
N PRO B 165 -12.12 -7.52 14.14
CA PRO B 165 -13.36 -7.38 13.34
C PRO B 165 -14.29 -8.57 13.47
N GLN B 166 -13.77 -9.78 13.64
CA GLN B 166 -14.66 -10.92 13.82
C GLN B 166 -14.97 -11.21 15.28
N LYS B 167 -14.14 -10.76 16.22
CA LYS B 167 -14.45 -10.87 17.64
C LYS B 167 -15.87 -10.37 17.93
N ILE B 168 -16.12 -9.10 17.58
CA ILE B 168 -17.40 -8.46 17.88
C ILE B 168 -18.56 -9.15 17.19
N MET B 169 -18.28 -9.96 16.16
CA MET B 169 -19.33 -10.79 15.57
C MET B 169 -19.70 -11.95 16.49
N TYR B 170 -18.72 -12.73 16.94
CA TYR B 170 -19.00 -13.82 17.86
C TYR B 170 -19.71 -13.31 19.10
N LEU B 171 -19.24 -12.18 19.62
CA LEU B 171 -19.90 -11.55 20.76
C LEU B 171 -21.34 -11.21 20.44
N SER B 172 -21.59 -10.60 19.28
CA SER B 172 -22.94 -10.25 18.91
C SER B 172 -23.82 -11.48 18.80
N GLU B 173 -23.25 -12.57 18.29
CA GLU B 173 -24.01 -13.82 18.14
C GLU B 173 -24.39 -14.38 19.50
N ALA B 174 -23.49 -14.25 20.47
CA ALA B 174 -23.82 -14.61 21.84
C ALA B 174 -24.94 -13.71 22.36
N TYR B 175 -24.77 -12.39 22.23
CA TYR B 175 -25.79 -11.46 22.72
C TYR B 175 -27.15 -11.79 22.16
N PHE B 176 -27.23 -12.02 20.84
CA PHE B 176 -28.51 -12.34 20.22
C PHE B 176 -29.12 -13.61 20.81
N ARG B 177 -28.30 -14.65 21.03
CA ARG B 177 -28.81 -15.84 21.69
C ARG B 177 -29.12 -15.60 23.18
N LYS B 178 -28.44 -14.67 23.81
CA LYS B 178 -28.76 -14.43 25.20
C LYS B 178 -29.90 -13.45 25.39
N THR B 179 -30.64 -13.12 24.32
CA THR B 179 -31.76 -12.20 24.43
C THR B 179 -32.97 -12.65 23.59
N GLY B 180 -33.02 -13.91 23.17
CA GLY B 180 -34.12 -14.41 22.37
C GLY B 180 -34.22 -13.83 20.96
N LYS B 181 -33.15 -13.23 20.43
CA LYS B 181 -33.13 -12.60 19.12
C LYS B 181 -32.36 -13.37 18.06
N ARG B 182 -31.68 -14.46 18.41
CA ARG B 182 -30.84 -15.17 17.45
C ARG B 182 -31.65 -15.60 16.24
N SER B 183 -32.85 -16.13 16.47
CA SER B 183 -33.67 -16.69 15.40
C SER B 183 -33.96 -15.70 14.28
N LYS B 184 -33.84 -14.39 14.54
CA LYS B 184 -34.21 -13.33 13.60
C LYS B 184 -33.02 -12.44 13.26
N ALA B 185 -31.85 -13.05 13.17
CA ALA B 185 -30.62 -12.32 12.92
C ALA B 185 -29.81 -13.08 11.87
N ASN B 186 -29.58 -12.45 10.74
CA ASN B 186 -28.72 -13.00 9.70
C ASN B 186 -27.35 -12.35 9.87
N ILE B 187 -26.38 -13.12 10.38
CA ILE B 187 -25.07 -12.60 10.79
C ILE B 187 -24.07 -12.96 9.70
N ILE B 188 -23.56 -11.94 8.99
CA ILE B 188 -22.59 -12.13 7.91
C ILE B 188 -21.34 -11.30 8.17
N PHE B 189 -20.20 -11.88 7.81
CA PHE B 189 -18.90 -11.24 7.87
C PHE B 189 -18.45 -11.06 6.42
N ASN B 190 -18.36 -9.81 5.95
CA ASN B 190 -17.93 -9.52 4.59
C ASN B 190 -16.50 -8.99 4.63
N THR B 191 -15.54 -9.80 4.17
CA THR B 191 -14.11 -9.50 4.26
C THR B 191 -13.52 -9.29 2.89
N SER B 192 -12.52 -8.41 2.86
CA SER B 192 -11.67 -8.27 1.67
C SER B 192 -10.81 -9.50 1.49
N LEU B 193 -10.42 -10.15 2.59
CA LEU B 193 -9.50 -11.27 2.61
C LEU B 193 -10.16 -12.54 2.07
N GLY B 194 -9.33 -13.53 1.76
CA GLY B 194 -9.76 -14.83 1.31
C GLY B 194 -9.76 -15.89 2.38
N ALA B 195 -9.44 -15.52 3.62
CA ALA B 195 -9.35 -16.47 4.73
C ALA B 195 -9.91 -15.83 5.99
N ILE B 196 -10.41 -16.68 6.89
CA ILE B 196 -10.87 -16.19 8.20
C ILE B 196 -9.71 -15.75 9.09
N PHE B 197 -8.53 -16.34 8.91
CA PHE B 197 -7.39 -16.05 9.77
C PHE B 197 -6.14 -16.69 9.17
N GLY B 198 -4.97 -16.10 9.35
CA GLY B 198 -3.89 -16.52 8.51
C GLY B 198 -3.06 -17.62 9.09
N VAL B 199 -3.37 -18.05 10.31
CA VAL B 199 -2.66 -19.12 11.00
C VAL B 199 -3.62 -20.31 11.06
N LYS B 200 -3.24 -21.40 10.37
CA LYS B 200 -4.17 -22.51 10.12
C LYS B 200 -4.78 -23.06 11.42
N LYS B 201 -4.01 -23.07 12.51
CA LYS B 201 -4.45 -23.73 13.72
C LYS B 201 -5.67 -23.03 14.34
N TYR B 202 -5.69 -21.71 14.29
CA TYR B 202 -6.82 -20.98 14.85
C TYR B 202 -7.87 -20.66 13.80
N ALA B 203 -7.47 -20.60 12.52
CA ALA B 203 -8.46 -20.57 11.45
C ALA B 203 -9.39 -21.78 11.55
N ASP B 204 -8.80 -22.97 11.58
CA ASP B 204 -9.58 -24.19 11.65
C ASP B 204 -10.51 -24.17 12.85
N ALA B 205 -9.99 -23.70 13.99
CA ALA B 205 -10.81 -23.55 15.18
C ALA B 205 -11.96 -22.59 14.92
N LEU B 206 -11.67 -21.43 14.32
CA LEU B 206 -12.70 -20.44 14.07
C LEU B 206 -13.72 -20.95 13.05
N GLN B 207 -13.27 -21.75 12.06
CA GLN B 207 -14.18 -22.25 11.03
C GLN B 207 -15.17 -23.26 11.59
N GLU B 208 -14.72 -24.12 12.50
CA GLU B 208 -15.67 -24.99 13.20
C GLU B 208 -16.73 -24.19 13.94
N ILE B 209 -16.33 -23.05 14.51
CA ILE B 209 -17.26 -22.21 15.25
C ILE B 209 -18.19 -21.49 14.29
N ILE B 210 -17.68 -21.07 13.13
CA ILE B 210 -18.53 -20.44 12.12
C ILE B 210 -19.60 -21.42 11.63
N GLN B 211 -19.21 -22.68 11.40
CA GLN B 211 -20.17 -23.68 10.98
C GLN B 211 -21.13 -24.05 12.09
N GLU B 212 -20.64 -24.24 13.31
CA GLU B 212 -21.52 -24.70 14.38
C GLU B 212 -22.49 -23.61 14.85
N ARG B 213 -22.39 -22.38 14.34
CA ARG B 213 -23.25 -21.29 14.80
C ARG B 213 -23.86 -20.52 13.63
N ASN B 214 -23.96 -21.14 12.46
CA ASN B 214 -24.73 -20.59 11.33
C ASN B 214 -24.28 -19.18 10.99
N LEU B 215 -22.97 -18.99 10.93
CA LEU B 215 -22.40 -17.71 10.50
C LEU B 215 -21.92 -17.85 9.07
N THR B 216 -22.31 -16.91 8.22
CA THR B 216 -21.85 -16.95 6.85
C THR B 216 -20.71 -15.95 6.69
N VAL B 217 -19.71 -16.34 5.92
CA VAL B 217 -18.57 -15.49 5.64
C VAL B 217 -18.49 -15.33 4.13
N ASN B 218 -18.58 -14.08 3.68
CA ASN B 218 -18.42 -13.72 2.27
C ASN B 218 -17.04 -13.10 2.07
N TYR B 219 -16.15 -13.84 1.41
CA TYR B 219 -14.79 -13.41 1.12
C TYR B 219 -14.72 -12.45 -0.06
N LYS B 220 -13.66 -11.64 -0.06
CA LYS B 220 -13.33 -10.74 -1.16
C LYS B 220 -14.42 -9.71 -1.40
N LYS B 221 -15.17 -9.37 -0.36
CA LYS B 221 -16.20 -8.34 -0.43
C LYS B 221 -15.79 -7.24 0.53
N ASN B 222 -15.51 -6.06 -0.02
CA ASN B 222 -14.98 -4.94 0.74
C ASN B 222 -16.00 -3.80 0.73
N LEU B 223 -16.32 -3.28 1.90
CA LEU B 223 -17.25 -2.16 2.03
C LEU B 223 -16.67 -0.89 1.43
N ILE B 224 -17.49 -0.14 0.68
CA ILE B 224 -17.06 1.10 0.03
C ILE B 224 -18.09 2.22 0.18
N GLU B 225 -19.29 1.91 0.68
CA GLU B 225 -20.28 2.96 0.90
C GLU B 225 -21.24 2.57 2.02
N VAL B 226 -21.70 3.58 2.75
CA VAL B 226 -22.65 3.43 3.85
C VAL B 226 -23.69 4.53 3.73
N ARG B 227 -24.94 4.16 3.44
CA ARG B 227 -26.09 5.06 3.47
C ARG B 227 -26.85 4.86 4.78
N ALA B 228 -26.34 5.49 5.85
CA ALA B 228 -26.97 5.32 7.14
C ALA B 228 -28.44 5.77 7.12
N ASP B 229 -28.73 6.81 6.34
CA ASP B 229 -30.12 7.22 6.14
C ASP B 229 -31.01 6.01 5.79
N LYS B 230 -30.67 5.25 4.76
CA LYS B 230 -31.51 4.13 4.33
C LYS B 230 -31.09 2.78 4.92
N GLN B 231 -30.10 2.75 5.81
CA GLN B 231 -29.61 1.49 6.43
C GLN B 231 -29.21 0.48 5.37
N GLU B 232 -28.42 0.96 4.40
CA GLU B 232 -27.85 0.15 3.33
C GLU B 232 -26.32 0.26 3.35
N ALA B 233 -25.65 -0.85 3.10
CA ALA B 233 -24.21 -0.90 2.87
C ALA B 233 -23.91 -1.40 1.46
N VAL B 234 -22.83 -0.90 0.86
CA VAL B 234 -22.43 -1.27 -0.50
C VAL B 234 -21.03 -1.89 -0.46
N PHE B 235 -20.92 -3.09 -1.02
CA PHE B 235 -19.65 -3.80 -1.13
C PHE B 235 -19.23 -3.93 -2.58
N GLU B 236 -17.92 -3.83 -2.80
CA GLU B 236 -17.31 -4.18 -4.07
C GLU B 236 -16.82 -5.62 -4.01
N ASN B 237 -16.98 -6.33 -5.13
CA ASN B 237 -16.47 -7.68 -5.26
C ASN B 237 -15.02 -7.62 -5.75
N LEU B 238 -14.08 -7.91 -4.85
CA LEU B 238 -12.68 -7.78 -5.23
C LEU B 238 -12.25 -8.79 -6.29
N ASP B 239 -13.00 -9.88 -6.46
CA ASP B 239 -12.77 -10.92 -7.46
C ASP B 239 -13.37 -10.57 -8.82
N LYS B 240 -14.14 -9.49 -8.91
CA LYS B 240 -14.82 -9.13 -10.15
C LYS B 240 -14.87 -7.61 -10.18
N PRO B 241 -13.75 -6.97 -10.52
CA PRO B 241 -13.72 -5.50 -10.57
C PRO B 241 -14.91 -4.98 -11.36
N GLY B 242 -15.47 -3.87 -10.90
CA GLY B 242 -16.71 -3.33 -11.41
C GLY B 242 -17.96 -3.84 -10.72
N GLU B 243 -17.89 -4.98 -10.04
CA GLU B 243 -19.11 -5.57 -9.49
C GLU B 243 -19.34 -5.09 -8.07
N THR B 244 -20.60 -4.75 -7.78
CA THR B 244 -20.98 -4.26 -6.46
C THR B 244 -22.22 -5.00 -5.95
N GLN B 245 -22.56 -4.72 -4.69
CA GLN B 245 -23.74 -5.28 -4.05
C GLN B 245 -24.19 -4.40 -2.90
N VAL B 246 -25.46 -4.01 -2.93
CA VAL B 246 -26.08 -3.17 -1.89
C VAL B 246 -26.86 -4.08 -0.94
N ILE B 247 -26.60 -3.93 0.35
CA ILE B 247 -27.18 -4.80 1.39
C ILE B 247 -27.79 -3.94 2.49
N SER B 248 -29.05 -4.22 2.85
CA SER B 248 -29.66 -3.53 3.96
C SER B 248 -29.14 -4.12 5.28
N TYR B 249 -29.09 -3.29 6.32
CA TYR B 249 -28.60 -3.77 7.61
C TYR B 249 -29.50 -3.34 8.76
N GLU B 250 -29.65 -4.22 9.72
CA GLU B 250 -30.21 -3.86 11.00
C GLU B 250 -29.10 -3.53 11.99
N MET B 251 -27.89 -3.97 11.71
CA MET B 251 -26.72 -3.61 12.50
C MET B 251 -25.51 -3.67 11.60
N LEU B 252 -24.73 -2.59 11.59
CA LEU B 252 -23.54 -2.48 10.74
C LEU B 252 -22.34 -2.18 11.63
N HIS B 253 -21.37 -3.09 11.67
CA HIS B 253 -20.10 -2.83 12.34
C HIS B 253 -19.00 -2.62 11.30
N VAL B 254 -18.44 -1.43 11.29
CA VAL B 254 -17.43 -1.02 10.33
C VAL B 254 -16.04 -1.26 10.91
N THR B 255 -15.20 -1.94 10.15
CA THR B 255 -13.77 -1.81 10.32
C THR B 255 -13.28 -0.87 9.24
N PRO B 256 -12.71 0.27 9.60
CA PRO B 256 -12.35 1.27 8.58
C PRO B 256 -11.04 0.94 7.92
N PRO B 257 -10.89 1.26 6.63
CA PRO B 257 -9.56 1.26 5.99
C PRO B 257 -8.58 1.98 6.89
N MET B 258 -7.31 1.51 6.89
CA MET B 258 -6.28 2.10 7.73
C MET B 258 -5.01 2.29 6.91
N SER B 259 -4.11 3.13 7.41
CA SER B 259 -2.94 3.50 6.63
C SER B 259 -1.92 4.10 7.57
N PRO B 260 -0.66 4.23 7.14
CA PRO B 260 0.30 4.95 7.97
C PRO B 260 -0.17 6.37 8.22
N PRO B 261 0.21 6.95 9.33
CA PRO B 261 -0.12 8.35 9.58
C PRO B 261 0.36 9.22 8.44
N ASP B 262 -0.41 10.28 8.14
CA ASP B 262 -0.10 11.09 6.97
C ASP B 262 1.31 11.67 7.04
N VAL B 263 1.73 12.15 8.21
CA VAL B 263 3.05 12.76 8.31
C VAL B 263 4.14 11.78 7.89
N LEU B 264 3.92 10.49 8.13
CA LEU B 264 4.90 9.50 7.73
C LEU B 264 4.84 9.21 6.22
N LYS B 265 3.65 9.34 5.62
CA LYS B 265 3.42 8.83 4.27
C LYS B 265 4.42 9.39 3.26
N THR B 266 4.72 10.68 3.36
CA THR B 266 5.65 11.37 2.47
C THR B 266 7.03 11.55 3.08
N SER B 267 7.28 10.98 4.24
CA SER B 267 8.52 11.25 4.95
C SER B 267 9.69 10.44 4.39
N PRO B 268 10.90 10.99 4.45
CA PRO B 268 12.06 10.19 4.04
C PRO B 268 12.29 8.96 4.93
N VAL B 269 11.62 8.83 6.08
CA VAL B 269 11.83 7.64 6.90
C VAL B 269 10.95 6.47 6.48
N ALA B 270 9.98 6.70 5.59
CA ALA B 270 9.05 5.65 5.18
C ALA B 270 9.64 4.83 4.04
N ASP B 271 9.06 3.64 3.83
CA ASP B 271 9.28 2.93 2.58
C ASP B 271 8.26 3.45 1.57
N ALA B 272 8.24 2.86 0.36
CA ALA B 272 7.31 3.36 -0.66
C ALA B 272 5.85 3.29 -0.21
N ALA B 273 5.54 2.46 0.78
CA ALA B 273 4.16 2.37 1.23
C ALA B 273 3.83 3.23 2.46
N GLY B 274 4.77 4.01 2.99
CA GLY B 274 4.45 4.92 4.07
C GLY B 274 4.76 4.41 5.47
N TRP B 275 5.25 3.18 5.62
CA TRP B 275 5.59 2.62 6.91
C TRP B 275 7.05 2.91 7.26
N VAL B 276 7.32 3.00 8.56
CA VAL B 276 8.68 3.23 9.01
C VAL B 276 9.53 2.04 8.59
N ASP B 277 10.54 2.30 7.77
CA ASP B 277 11.33 1.27 7.10
C ASP B 277 12.43 0.83 8.05
N VAL B 278 12.12 -0.14 8.91
CA VAL B 278 13.07 -0.61 9.92
C VAL B 278 13.57 -2.01 9.58
N ASP B 279 14.73 -2.33 10.15
CA ASP B 279 15.21 -3.70 10.16
C ASP B 279 14.18 -4.60 10.82
N LYS B 280 13.97 -5.76 10.21
CA LYS B 280 12.97 -6.72 10.64
C LYS B 280 13.36 -7.47 11.91
N GLU B 281 14.62 -7.42 12.35
CA GLU B 281 15.01 -8.08 13.58
C GLU B 281 15.47 -7.14 14.70
N THR B 282 16.04 -5.98 14.37
CA THR B 282 16.53 -5.07 15.40
C THR B 282 15.68 -3.82 15.60
N LEU B 283 14.80 -3.48 14.67
CA LEU B 283 13.97 -2.28 14.76
C LEU B 283 14.81 -0.99 14.68
N GLN B 284 16.03 -1.10 14.21
CA GLN B 284 16.78 0.07 13.76
C GLN B 284 16.49 0.40 12.30
N HIS B 285 16.43 1.69 11.98
CA HIS B 285 16.07 2.09 10.62
C HIS B 285 17.11 1.62 9.59
N ARG B 286 16.62 1.23 8.42
CA ARG B 286 17.49 0.61 7.42
C ARG B 286 18.47 1.62 6.84
N ARG B 287 18.06 2.90 6.79
CA ARG B 287 18.86 3.94 6.14
C ARG B 287 19.32 5.05 7.06
N TYR B 288 18.68 5.24 8.22
CA TYR B 288 19.12 6.25 9.19
C TYR B 288 19.48 5.56 10.49
N PRO B 289 20.77 5.44 10.83
CA PRO B 289 21.16 4.60 11.99
C PRO B 289 20.77 5.17 13.35
N ASN B 290 20.40 6.45 13.43
CA ASN B 290 19.95 7.00 14.70
C ASN B 290 18.44 7.12 14.76
N VAL B 291 17.70 6.39 13.93
CA VAL B 291 16.24 6.37 13.93
C VAL B 291 15.74 4.96 14.19
N PHE B 292 14.70 4.84 15.01
CA PHE B 292 14.12 3.56 15.38
C PHE B 292 12.60 3.61 15.29
N GLY B 293 12.01 2.44 15.12
CA GLY B 293 10.56 2.33 14.96
C GLY B 293 10.00 1.21 15.81
N ILE B 294 8.75 1.37 16.23
CA ILE B 294 8.10 0.35 17.05
C ILE B 294 6.59 0.45 16.85
N GLY B 295 5.93 -0.71 16.76
CA GLY B 295 4.48 -0.75 16.76
C GLY B 295 3.82 -0.62 15.39
N ASP B 296 2.59 -0.07 15.39
CA ASP B 296 1.77 -0.15 14.18
C ASP B 296 2.42 0.57 13.01
N CYS B 297 2.98 1.76 13.25
CA CYS B 297 3.52 2.54 12.14
C CYS B 297 4.69 1.86 11.40
N THR B 298 5.24 0.77 11.92
CA THR B 298 6.42 0.20 11.28
C THR B 298 6.01 -0.69 10.11
N ASN B 299 7.01 -1.15 9.36
CA ASN B 299 6.74 -2.14 8.32
C ASN B 299 7.06 -3.57 8.79
N LEU B 300 7.11 -3.79 10.09
CA LEU B 300 7.37 -5.13 10.65
C LEU B 300 6.31 -6.11 10.17
N PRO B 301 6.69 -7.11 9.40
CA PRO B 301 5.72 -8.04 8.80
C PRO B 301 5.12 -9.01 9.80
N THR B 302 4.46 -8.47 10.81
CA THR B 302 3.68 -9.26 11.74
C THR B 302 2.41 -8.47 12.02
N SER B 303 1.59 -8.99 12.92
CA SER B 303 0.33 -8.35 13.20
C SER B 303 0.54 -7.11 14.05
N LYS B 304 -0.06 -6.02 13.63
CA LYS B 304 -0.02 -4.82 14.45
C LYS B 304 -0.92 -5.01 15.67
N THR B 305 -0.33 -5.36 16.80
CA THR B 305 -1.03 -5.56 18.07
C THR B 305 -0.19 -5.00 19.20
N ALA B 306 -0.86 -4.67 20.31
CA ALA B 306 -0.14 -4.21 21.50
C ALA B 306 0.78 -5.31 22.05
N ALA B 307 0.38 -6.58 21.93
CA ALA B 307 1.27 -7.66 22.32
C ALA B 307 2.57 -7.63 21.51
N ALA B 308 2.46 -7.37 20.21
CA ALA B 308 3.65 -7.24 19.38
C ALA B 308 4.52 -6.08 19.88
N VAL B 309 3.89 -4.95 20.24
CA VAL B 309 4.61 -3.81 20.81
C VAL B 309 5.45 -4.26 22.00
N ALA B 310 4.85 -5.02 22.92
CA ALA B 310 5.55 -5.43 24.13
C ALA B 310 6.84 -6.18 23.80
N ALA B 311 6.74 -7.23 23.00
CA ALA B 311 7.93 -7.97 22.61
C ALA B 311 8.91 -7.08 21.85
N GLN B 312 8.40 -6.25 20.93
CA GLN B 312 9.25 -5.32 20.21
C GLN B 312 10.00 -4.40 21.18
N SER B 313 9.32 -3.94 22.24
CA SER B 313 9.91 -2.94 23.11
C SER B 313 11.11 -3.48 23.87
N GLY B 314 11.15 -4.79 24.14
CA GLY B 314 12.31 -5.36 24.80
C GLY B 314 13.50 -5.41 23.87
N ILE B 315 13.26 -5.92 22.65
CA ILE B 315 14.30 -5.95 21.63
C ILE B 315 14.75 -4.54 21.29
N LEU B 316 13.81 -3.62 21.05
CA LEU B 316 14.22 -2.26 20.74
C LEU B 316 15.09 -1.69 21.84
N ASP B 317 14.72 -1.95 23.10
CA ASP B 317 15.52 -1.50 24.23
C ASP B 317 16.95 -1.99 24.12
N ARG B 318 17.15 -3.30 23.92
CA ARG B 318 18.51 -3.83 23.78
C ARG B 318 19.19 -3.22 22.56
N THR B 319 18.47 -3.13 21.43
CA THR B 319 19.07 -2.59 20.22
C THR B 319 19.61 -1.18 20.43
N ILE B 320 18.84 -0.32 21.10
CA ILE B 320 19.25 1.06 21.27
C ILE B 320 20.40 1.18 22.28
N SER B 321 20.45 0.29 23.28
CA SER B 321 21.52 0.38 24.27
C SER B 321 22.85 -0.06 23.69
N VAL B 322 22.88 -1.15 22.93
CA VAL B 322 24.15 -1.61 22.36
C VAL B 322 24.65 -0.69 21.26
N ILE B 323 23.77 0.13 20.68
CA ILE B 323 24.23 1.10 19.70
C ILE B 323 24.89 2.29 20.39
N MET B 324 24.33 2.75 21.51
CA MET B 324 24.97 3.84 22.24
C MET B 324 26.37 3.44 22.70
N LYS B 325 26.62 2.13 22.84
CA LYS B 325 27.90 1.60 23.25
C LYS B 325 28.79 1.26 22.05
N ASN B 326 28.35 1.65 20.85
CA ASN B 326 29.14 1.52 19.61
C ASN B 326 29.44 0.05 19.31
N GLN B 327 28.46 -0.80 19.59
CA GLN B 327 28.50 -2.22 19.30
C GLN B 327 27.39 -2.56 18.32
N THR B 328 27.52 -3.73 17.70
CA THR B 328 26.46 -4.07 16.76
C THR B 328 25.39 -4.92 17.46
N PRO B 329 24.11 -4.69 17.14
CA PRO B 329 23.04 -5.44 17.81
C PRO B 329 23.11 -6.94 17.54
N THR B 330 22.62 -7.71 18.50
CA THR B 330 22.68 -9.17 18.42
C THR B 330 21.34 -9.86 18.61
N LYS B 331 20.50 -9.41 19.56
CA LYS B 331 19.22 -10.07 19.81
C LYS B 331 18.21 -9.72 18.73
N LYS B 332 17.50 -10.73 18.22
CA LYS B 332 16.65 -10.57 17.05
C LYS B 332 15.19 -10.81 17.39
N TYR B 333 14.31 -9.89 16.96
CA TYR B 333 12.87 -10.04 17.15
C TYR B 333 12.36 -11.23 16.34
N ASP B 334 11.54 -12.07 16.97
CA ASP B 334 11.03 -13.25 16.29
C ASP B 334 9.68 -13.00 15.61
N GLY B 335 9.10 -11.81 15.79
CA GLY B 335 7.83 -11.50 15.17
C GLY B 335 6.66 -11.84 16.03
N TYR B 336 6.88 -12.09 17.32
CA TYR B 336 5.81 -12.46 18.22
C TYR B 336 4.69 -11.43 18.19
N THR B 337 3.46 -11.93 18.27
CA THR B 337 2.28 -11.11 18.40
C THR B 337 1.21 -12.04 18.96
N SER B 338 0.22 -11.48 19.63
CA SER B 338 -0.90 -12.28 20.11
C SER B 338 -2.22 -11.65 19.66
N CYS B 339 -3.21 -12.51 19.44
CA CYS B 339 -4.57 -12.06 19.15
C CYS B 339 -5.50 -12.89 20.03
N PRO B 340 -6.00 -12.31 21.08
CA PRO B 340 -6.91 -13.06 21.96
C PRO B 340 -8.31 -13.08 21.36
N LEU B 341 -8.56 -14.03 20.48
CA LEU B 341 -9.83 -14.10 19.76
C LEU B 341 -10.95 -14.40 20.75
N VAL B 342 -11.70 -13.36 21.12
CA VAL B 342 -12.90 -13.50 21.94
C VAL B 342 -13.99 -14.19 21.11
N THR B 343 -14.51 -15.31 21.63
CA THR B 343 -15.47 -16.10 20.88
C THR B 343 -16.80 -16.18 21.63
N GLY B 344 -17.08 -15.19 22.45
CA GLY B 344 -18.24 -15.19 23.33
C GLY B 344 -17.90 -14.44 24.59
N TYR B 345 -18.94 -14.16 25.39
CA TYR B 345 -18.74 -13.49 26.67
C TYR B 345 -17.95 -14.32 27.66
N ASN B 346 -17.66 -15.59 27.33
CA ASN B 346 -17.15 -16.58 28.26
C ASN B 346 -15.86 -17.25 27.83
N ARG B 347 -15.49 -17.19 26.55
CA ARG B 347 -14.36 -17.96 26.03
C ARG B 347 -13.47 -17.06 25.21
N VAL B 348 -12.23 -17.51 25.02
CA VAL B 348 -11.26 -16.81 24.17
C VAL B 348 -10.30 -17.84 23.57
N ILE B 349 -10.12 -17.78 22.25
CA ILE B 349 -9.08 -18.54 21.55
C ILE B 349 -7.86 -17.64 21.46
N LEU B 350 -6.86 -17.87 22.29
CA LEU B 350 -5.68 -17.01 22.30
C LEU B 350 -4.70 -17.46 21.21
N ALA B 351 -4.65 -16.70 20.13
CA ALA B 351 -3.70 -16.97 19.06
C ALA B 351 -2.39 -16.24 19.39
N GLU B 352 -1.31 -17.01 19.43
CA GLU B 352 0.04 -16.49 19.54
C GLU B 352 0.85 -17.08 18.39
N PHE B 353 1.60 -16.23 17.68
CA PHE B 353 2.42 -16.71 16.58
C PHE B 353 3.54 -15.71 16.36
N ASP B 354 4.47 -16.10 15.49
CA ASP B 354 5.65 -15.31 15.18
C ASP B 354 5.68 -15.08 13.67
N TYR B 355 6.88 -14.74 13.17
CA TYR B 355 7.06 -14.32 11.78
C TYR B 355 6.69 -15.40 10.79
N LYS B 356 6.64 -16.65 11.20
CA LYS B 356 6.42 -17.74 10.28
C LYS B 356 4.97 -18.14 10.17
N ALA B 357 4.05 -17.29 10.67
CA ALA B 357 2.64 -17.64 10.81
C ALA B 357 2.48 -19.04 11.41
N GLU B 358 3.32 -19.34 12.40
CA GLU B 358 3.24 -20.62 13.07
C GLU B 358 3.00 -20.42 14.56
N PRO B 359 2.20 -21.29 15.17
CA PRO B 359 1.84 -21.10 16.59
C PRO B 359 3.05 -21.13 17.49
N LEU B 360 3.09 -20.16 18.42
CA LEU B 360 4.17 -20.00 19.39
C LEU B 360 3.51 -19.67 20.73
N GLU B 361 2.81 -20.68 21.28
CA GLU B 361 2.01 -20.54 22.48
C GLU B 361 2.84 -20.45 23.75
N THR B 362 2.42 -19.55 24.64
CA THR B 362 3.08 -19.40 25.93
C THR B 362 2.76 -20.58 26.85
N PHE B 363 1.53 -21.09 26.78
CA PHE B 363 1.11 -22.07 27.76
C PHE B 363 1.18 -23.49 27.20
N PRO B 364 1.40 -24.47 28.08
CA PRO B 364 1.64 -25.85 27.59
C PRO B 364 0.42 -26.50 27.02
N PHE B 365 -0.77 -26.11 27.47
CA PHE B 365 -1.99 -26.66 26.90
C PHE B 365 -2.25 -26.03 25.52
N ASP B 366 -3.40 -26.41 24.94
CA ASP B 366 -3.72 -26.10 23.56
C ASP B 366 -4.64 -24.89 23.49
N GLN B 367 -4.15 -23.82 22.88
CA GLN B 367 -4.84 -22.55 22.89
C GLN B 367 -5.87 -22.40 21.78
N SER B 368 -5.94 -23.36 20.84
CA SER B 368 -7.05 -23.43 19.89
C SER B 368 -8.40 -23.54 20.59
N LYS B 369 -8.42 -24.07 21.81
CA LYS B 369 -9.66 -24.34 22.51
C LYS B 369 -10.21 -23.05 23.10
N GLU B 370 -11.53 -22.92 23.10
CA GLU B 370 -12.22 -21.82 23.75
C GLU B 370 -12.10 -21.99 25.26
N ARG B 371 -11.31 -21.12 25.91
CA ARG B 371 -10.99 -21.23 27.33
C ARG B 371 -11.56 -20.06 28.12
N LEU B 372 -12.10 -20.38 29.30
CA LEU B 372 -12.51 -19.33 30.23
C LEU B 372 -11.31 -18.54 30.72
N SER B 373 -10.22 -19.23 31.05
CA SER B 373 -9.04 -18.54 31.59
C SER B 373 -8.53 -17.49 30.65
N MET B 374 -8.49 -17.80 29.36
CA MET B 374 -8.03 -16.82 28.38
C MET B 374 -8.95 -15.61 28.30
N TYR B 375 -10.25 -15.80 28.56
CA TYR B 375 -11.15 -14.66 28.59
C TYR B 375 -10.80 -13.72 29.73
N LEU B 376 -10.62 -14.28 30.93
CA LEU B 376 -10.30 -13.47 32.10
C LEU B 376 -8.91 -12.84 32.00
N MET B 377 -7.99 -13.48 31.31
CA MET B 377 -6.72 -12.83 30.99
C MET B 377 -6.96 -11.59 30.13
N LYS B 378 -7.61 -11.78 28.98
CA LYS B 378 -7.87 -10.67 28.07
C LYS B 378 -8.69 -9.57 28.75
N ALA B 379 -9.71 -9.96 29.52
CA ALA B 379 -10.66 -9.00 30.06
C ALA B 379 -10.14 -8.28 31.31
N ASP B 380 -9.29 -8.93 32.11
CA ASP B 380 -8.92 -8.29 33.37
C ASP B 380 -7.43 -8.21 33.61
N LEU B 381 -6.67 -9.26 33.28
CA LEU B 381 -5.25 -9.25 33.62
C LEU B 381 -4.45 -8.36 32.67
N MET B 382 -4.51 -8.64 31.37
CA MET B 382 -3.79 -7.83 30.39
C MET B 382 -4.02 -6.34 30.58
N PRO B 383 -5.25 -5.84 30.78
CA PRO B 383 -5.40 -4.42 31.12
C PRO B 383 -4.60 -4.04 32.35
N PHE B 384 -4.77 -4.80 33.43
CA PHE B 384 -4.03 -4.51 34.66
C PHE B 384 -2.53 -4.53 34.39
N LEU B 385 -2.04 -5.60 33.78
CA LEU B 385 -0.63 -5.67 33.42
C LEU B 385 -0.23 -4.58 32.44
N TYR B 386 -1.14 -4.14 31.57
CA TYR B 386 -0.76 -3.10 30.62
C TYR B 386 -0.44 -1.79 31.33
N TRP B 387 -1.35 -1.34 32.18
CA TRP B 387 -1.09 -0.10 32.91
C TRP B 387 0.09 -0.24 33.85
N ASN B 388 0.22 -1.38 34.52
CA ASN B 388 1.10 -1.50 35.68
C ASN B 388 2.47 -2.08 35.40
N MET B 389 2.71 -2.67 34.24
CA MET B 389 4.05 -3.19 33.93
C MET B 389 4.52 -2.67 32.59
N MET B 390 3.67 -2.76 31.56
CA MET B 390 4.13 -2.49 30.20
C MET B 390 4.40 -0.99 30.01
N LEU B 391 3.44 -0.15 30.36
CA LEU B 391 3.69 1.28 30.20
C LEU B 391 4.79 1.80 31.13
N ARG B 392 5.23 0.99 32.10
CA ARG B 392 6.34 1.34 32.99
C ARG B 392 7.66 0.73 32.53
N GLY B 393 7.62 -0.12 31.49
CA GLY B 393 8.81 -0.67 30.89
C GLY B 393 9.19 -2.05 31.35
N TYR B 394 8.29 -2.78 32.03
CA TYR B 394 8.67 -4.04 32.66
C TYR B 394 8.06 -5.28 32.03
N TRP B 395 7.28 -5.14 30.97
CA TRP B 395 6.87 -6.30 30.20
C TRP B 395 7.43 -6.14 28.80
N GLY B 396 8.08 -7.20 28.33
CA GLY B 396 8.55 -7.34 26.96
C GLY B 396 8.13 -8.68 26.35
N GLY B 397 9.09 -9.36 25.74
CA GLY B 397 8.84 -10.65 25.14
C GLY B 397 8.24 -11.62 26.14
N PRO B 398 7.39 -12.54 25.68
CA PRO B 398 6.95 -13.62 26.55
C PRO B 398 7.83 -14.84 26.40
N ALA B 399 9.10 -14.61 26.03
CA ALA B 399 10.02 -15.72 25.78
C ALA B 399 10.22 -16.55 27.04
N PHE B 400 10.65 -15.92 28.14
CA PHE B 400 10.99 -16.69 29.32
C PHE B 400 9.76 -17.34 29.95
N LEU B 401 8.64 -16.62 30.02
CA LEU B 401 7.41 -17.20 30.57
C LEU B 401 7.04 -18.50 29.86
N ARG B 402 7.21 -18.53 28.54
CA ARG B 402 6.95 -19.74 27.78
C ARG B 402 7.97 -20.82 28.09
N LYS B 403 9.27 -20.46 28.12
CA LYS B 403 10.31 -21.42 28.47
C LYS B 403 10.02 -22.04 29.83
N LEU B 404 9.52 -21.22 30.76
CA LEU B 404 9.22 -21.72 32.10
C LEU B 404 8.23 -22.88 32.05
N PHE B 405 7.12 -22.69 31.34
CA PHE B 405 6.03 -23.66 31.32
C PHE B 405 6.32 -24.86 30.43
N HIS B 406 7.56 -25.07 30.00
CA HIS B 406 7.87 -26.21 29.13
C HIS B 406 9.22 -26.83 29.54
PA FAD C . 2.86 9.30 -17.11
O1A FAD C . 2.81 9.07 -18.56
O2A FAD C . 4.10 8.76 -16.38
O5B FAD C . 2.74 10.86 -16.84
C5B FAD C . 2.40 11.40 -15.55
C4B FAD C . 2.86 12.84 -15.53
O4B FAD C . 2.51 13.49 -14.29
C3B FAD C . 4.37 13.10 -15.73
O3B FAD C . 4.62 13.94 -16.86
C2B FAD C . 4.80 13.77 -14.42
O2B FAD C . 5.79 14.77 -14.63
C1B FAD C . 3.50 14.43 -13.99
N9A FAD C . 3.44 14.76 -12.58
C8A FAD C . 3.88 13.99 -11.52
N7A FAD C . 3.67 14.53 -10.34
C5A FAD C . 3.07 15.74 -10.63
C6A FAD C . 2.60 16.79 -9.83
N6A FAD C . 2.68 16.79 -8.49
N1A FAD C . 2.05 17.86 -10.44
C2A FAD C . 1.98 17.87 -11.78
N3A FAD C . 2.37 16.93 -12.64
C4A FAD C . 2.91 15.90 -12.01
N1 FAD C . 3.19 0.84 -20.98
C2 FAD C . 2.65 0.10 -22.00
O2 FAD C . 1.44 0.15 -22.29
N3 FAD C . 3.46 -0.72 -22.75
C4 FAD C . 4.79 -0.90 -22.58
O4 FAD C . 5.40 -1.67 -23.31
C4X FAD C . 5.37 -0.11 -21.51
N5 FAD C . 6.65 -0.24 -21.28
C5X FAD C . 7.21 0.52 -20.28
C6 FAD C . 8.59 0.42 -20.04
C7 FAD C . 9.19 1.15 -19.03
C7M FAD C . 10.67 1.03 -18.78
C8 FAD C . 8.41 2.04 -18.25
C8M FAD C . 9.04 2.86 -17.17
C9 FAD C . 7.05 2.14 -18.49
C9A FAD C . 6.45 1.39 -19.50
N10 FAD C . 5.07 1.50 -19.78
C10 FAD C . 4.49 0.72 -20.76
C1' FAD C . 4.20 2.31 -18.91
C2' FAD C . 3.54 3.51 -19.54
O2' FAD C . 4.55 4.47 -19.87
C3' FAD C . 2.63 4.14 -18.49
O3' FAD C . 1.70 3.16 -18.03
C4' FAD C . 1.86 5.38 -18.93
O4' FAD C . 2.77 6.44 -19.14
C5' FAD C . 0.87 5.86 -17.89
O5' FAD C . 0.55 7.23 -18.18
P FAD C . 0.16 8.24 -17.06
O1P FAD C . -0.38 9.44 -17.85
O2P FAD C . -0.73 7.64 -15.97
O3P FAD C . 1.58 8.66 -16.42
PA FAD D . -1.09 3.55 19.44
O1A FAD D . -1.07 2.88 20.76
O2A FAD D . -2.40 3.39 18.67
O5B FAD D . -0.88 5.07 19.54
C5B FAD D . -0.20 5.82 18.51
C4B FAD D . -0.14 7.22 19.05
O4B FAD D . 0.46 8.12 18.08
C3B FAD D . -1.48 7.84 19.43
O3B FAD D . -1.49 8.28 20.79
C2B FAD D . -1.63 9.03 18.48
O2B FAD D . -2.34 10.13 19.05
C1B FAD D . -0.17 9.37 18.21
N9A FAD D . 0.06 10.13 16.99
C8A FAD D . -0.47 9.88 15.75
N7A FAD D . -0.09 10.73 14.83
C5A FAD D . 0.74 11.60 15.50
C6A FAD D . 1.48 12.73 15.08
N6A FAD D . 1.48 13.19 13.82
N1A FAD D . 2.23 13.38 16.00
C2A FAD D . 2.25 12.91 17.25
N3A FAD D . 1.60 11.86 17.76
C4A FAD D . 0.85 11.25 16.84
N1 FAD D . -3.63 -5.59 20.49
C2 FAD D . -3.39 -6.76 21.17
O2 FAD D . -2.25 -7.18 21.36
N3 FAD D . -4.45 -7.51 21.63
C4 FAD D . -5.78 -7.18 21.52
O4 FAD D . -6.65 -7.91 21.99
C4X FAD D . -6.02 -5.95 20.82
N5 FAD D . -7.25 -5.57 20.66
C5X FAD D . -7.48 -4.39 19.98
C6 FAD D . -8.80 -3.98 19.82
C7 FAD D . -9.11 -2.80 19.17
C7M FAD D . -10.55 -2.39 19.00
C8 FAD D . -8.07 -2.00 18.67
C8M FAD D . -8.37 -0.71 17.94
C9 FAD D . -6.75 -2.41 18.82
C9A FAD D . -6.45 -3.59 19.49
N10 FAD D . -5.11 -4.03 19.71
C10 FAD D . -4.88 -5.22 20.34
C1' FAD D . -3.99 -3.32 19.10
C2' FAD D . -3.43 -2.16 19.91
O2' FAD D . -4.42 -1.16 20.14
C3' FAD D . -2.34 -1.49 19.05
O3' FAD D . -1.74 -2.42 18.14
C4' FAD D . -1.27 -0.78 19.87
O4' FAD D . -1.95 0.29 20.55
C5' FAD D . -0.16 -0.26 18.98
O5' FAD D . 0.51 0.81 19.68
P FAD D . 1.22 1.97 18.91
O1P FAD D . 2.10 2.63 19.98
O2P FAD D . 1.78 1.38 17.67
O3P FAD D . 0.11 3.03 18.54
#